data_4MJW
#
_entry.id   4MJW
#
_cell.length_a   87.350
_cell.length_b   87.350
_cell.length_c   353.484
_cell.angle_alpha   90.00
_cell.angle_beta   90.00
_cell.angle_gamma   90.00
#
_symmetry.space_group_name_H-M   'P 43 21 2'
#
loop_
_entity.id
_entity.type
_entity.pdbx_description
1 polymer 'Choline oxidase'
2 non-polymer 'FLAVIN-ADENINE DINUCLEOTIDE'
3 non-polymer 'TRIMETHYL GLYCINE'
4 non-polymer 'ACETATE ION'
5 non-polymer GLYCEROL
6 water water
#
_entity_poly.entity_id   1
_entity_poly.type   'polypeptide(L)'
_entity_poly.pdbx_seq_one_letter_code
;MHIDNIENLSDREFDYIVVGGGSAGAAVAARLSEDPAVSVALVEAGPDDRGVPEVLQLDRWMELLESGYDWDYPIEPQEN
GNSFMRHARAKVMGGCSSHNSCIAFWAPREDLDEWEAKYGATGWNAEAAWPLYKRLETNEDAGPDAPHHGDSGPVHLMNV
PPKDPTGVALLDACEQAGIPRAKFNTGTTVVNGANFFQINRRADGTRSSSSVSYIHPIVEQENFTLLTGLRARQLVFDAD
RRCTGVDIVDSAFGHTHRLTARNEVVLSTGAIDTPKLLMLSGIGPAAHLAEHGIEVLVDSPGVGEHLQDHPEGVVQFEAK
QPMVAESTQWWEIGIFTPTEDGLDRPDLMMHYGSVPFDMNTLRHGYPTTENGFSLTPNVTHARSRGTVRLRSRDFRDKPM
VDPRYFTDPEGHDMRVMVAGIRKAREIAAQPAMAEWTGRELSPGVEAQTDEELQDYIRKTHNTVYHPVGTVRMGAVEDEM
SPLDPELRVKGVTGLRVADASVMPEHVTVNPNITVMMIGERCADLIRSARAGETTTADAELSAALA
;
_entity_poly.pdbx_strand_id   A,B
#
loop_
_chem_comp.id
_chem_comp.type
_chem_comp.name
_chem_comp.formula
ACT non-polymer 'ACETATE ION' 'C2 H3 O2 -1'
BET non-polymer 'TRIMETHYL GLYCINE' 'C5 H12 N O2 1'
FAD non-polymer 'FLAVIN-ADENINE DINUCLEOTIDE' 'C27 H33 N9 O15 P2'
GOL non-polymer GLYCEROL 'C3 H8 O3'
#
# COMPACT_ATOMS: atom_id res chain seq x y z
N MET A 1 -12.83 15.92 -22.72
CA MET A 1 -11.40 15.56 -22.71
C MET A 1 -10.90 15.00 -21.39
N HIS A 2 -9.78 14.28 -21.46
CA HIS A 2 -9.20 13.69 -20.29
C HIS A 2 -8.08 14.69 -19.93
N ILE A 3 -8.01 15.11 -18.67
CA ILE A 3 -6.95 15.95 -18.11
C ILE A 3 -6.25 15.17 -16.95
N ASP A 4 -4.98 14.84 -17.11
CA ASP A 4 -4.29 14.17 -15.99
C ASP A 4 -3.27 15.13 -15.35
N ASN A 5 -3.29 16.42 -15.71
CA ASN A 5 -2.47 17.42 -15.06
C ASN A 5 -3.30 18.69 -14.91
N ILE A 6 -3.68 19.01 -13.68
CA ILE A 6 -4.58 20.11 -13.32
C ILE A 6 -4.07 21.45 -13.89
N GLU A 7 -2.76 21.55 -14.09
CA GLU A 7 -2.12 22.71 -14.71
C GLU A 7 -2.67 22.96 -16.10
N ASN A 8 -3.03 21.91 -16.82
CA ASN A 8 -3.67 22.07 -18.14
C ASN A 8 -5.14 22.44 -18.17
N LEU A 9 -5.78 22.66 -17.03
CA LEU A 9 -7.22 22.94 -17.01
C LEU A 9 -7.47 24.39 -16.63
N SER A 10 -7.99 25.19 -17.56
CA SER A 10 -8.13 26.63 -17.33
C SER A 10 -9.46 27.05 -16.70
N ASP A 11 -10.52 26.42 -17.17
CA ASP A 11 -11.83 26.72 -16.64
C ASP A 11 -12.16 25.59 -15.65
N ARG A 12 -12.28 25.93 -14.37
CA ARG A 12 -12.45 25.04 -13.24
C ARG A 12 -13.88 25.08 -12.72
N GLU A 13 -14.81 25.57 -13.55
CA GLU A 13 -16.22 25.66 -13.18
C GLU A 13 -17.11 24.80 -14.09
N PHE A 14 -18.04 24.05 -13.50
CA PHE A 14 -18.84 23.14 -14.27
C PHE A 14 -20.24 23.25 -13.73
N ASP A 15 -21.21 22.80 -14.52
CA ASP A 15 -22.54 22.59 -13.94
C ASP A 15 -22.59 21.52 -12.85
N TYR A 16 -21.95 20.37 -13.06
CA TYR A 16 -21.99 19.26 -12.11
C TYR A 16 -20.58 18.75 -11.95
N ILE A 17 -20.25 18.29 -10.73
CA ILE A 17 -18.93 17.66 -10.52
C ILE A 17 -19.35 16.36 -9.86
N VAL A 18 -18.84 15.24 -10.37
CA VAL A 18 -19.08 13.96 -9.71
C VAL A 18 -17.70 13.53 -9.15
N VAL A 19 -17.68 13.25 -7.84
CA VAL A 19 -16.43 12.90 -7.15
C VAL A 19 -16.38 11.40 -6.93
N GLY A 20 -15.47 10.75 -7.65
CA GLY A 20 -15.20 9.29 -7.52
C GLY A 20 -15.67 8.59 -8.79
N GLY A 21 -14.76 8.04 -9.61
CA GLY A 21 -15.14 7.47 -10.91
C GLY A 21 -15.44 5.98 -10.83
N GLY A 22 -16.22 5.58 -9.81
CA GLY A 22 -16.36 4.12 -9.57
C GLY A 22 -17.65 3.59 -10.18
N SER A 23 -18.22 2.56 -9.57
CA SER A 23 -19.38 1.90 -10.17
C SER A 23 -20.52 2.89 -10.41
N ALA A 24 -20.92 3.55 -9.31
CA ALA A 24 -22.04 4.53 -9.42
C ALA A 24 -21.57 5.82 -10.13
N GLY A 25 -20.40 6.31 -9.74
CA GLY A 25 -19.98 7.69 -10.10
C GLY A 25 -19.80 7.82 -11.63
N ALA A 26 -19.21 6.80 -12.24
CA ALA A 26 -19.10 6.77 -13.73
C ALA A 26 -20.48 6.79 -14.46
N ALA A 27 -21.43 6.02 -13.91
CA ALA A 27 -22.79 5.98 -14.42
C ALA A 27 -23.41 7.39 -14.24
N VAL A 28 -23.30 7.96 -13.04
CA VAL A 28 -23.96 9.28 -12.85
C VAL A 28 -23.37 10.32 -13.83
N ALA A 29 -22.05 10.34 -14.01
CA ALA A 29 -21.44 11.41 -14.81
C ALA A 29 -21.75 11.24 -16.28
N ALA A 30 -21.75 9.99 -16.74
CA ALA A 30 -22.07 9.74 -18.15
C ALA A 30 -23.51 10.16 -18.48
N ARG A 31 -24.43 9.75 -17.63
CA ARG A 31 -25.84 10.01 -17.86
C ARG A 31 -26.10 11.53 -17.77
N LEU A 32 -25.51 12.18 -16.78
CA LEU A 32 -25.69 13.66 -16.68
C LEU A 32 -25.25 14.29 -17.98
N SER A 33 -24.18 13.75 -18.58
CA SER A 33 -23.55 14.49 -19.70
C SER A 33 -24.37 14.26 -20.99
N GLU A 34 -25.43 13.46 -20.94
CA GLU A 34 -26.24 13.21 -22.14
C GLU A 34 -27.06 14.46 -22.50
N ASP A 35 -27.17 15.42 -21.58
CA ASP A 35 -27.79 16.70 -21.97
C ASP A 35 -26.67 17.63 -22.47
N PRO A 36 -26.65 17.97 -23.79
CA PRO A 36 -25.49 18.76 -24.21
C PRO A 36 -25.45 20.20 -23.68
N ALA A 37 -26.50 20.68 -23.03
CA ALA A 37 -26.46 22.04 -22.51
C ALA A 37 -25.82 22.12 -21.11
N VAL A 38 -25.39 21.00 -20.52
CA VAL A 38 -24.76 21.10 -19.19
C VAL A 38 -23.33 20.56 -19.27
N SER A 39 -22.41 21.13 -18.47
CA SER A 39 -21.03 20.63 -18.42
C SER A 39 -20.85 19.72 -17.20
N VAL A 40 -20.06 18.64 -17.34
CA VAL A 40 -19.92 17.68 -16.27
C VAL A 40 -18.42 17.39 -16.11
N ALA A 41 -17.91 17.48 -14.89
CA ALA A 41 -16.57 17.02 -14.55
C ALA A 41 -16.70 15.73 -13.74
N LEU A 42 -15.83 14.76 -14.00
CA LEU A 42 -15.78 13.55 -13.15
C LEU A 42 -14.34 13.49 -12.61
N VAL A 43 -14.16 13.53 -11.29
CA VAL A 43 -12.83 13.62 -10.66
C VAL A 43 -12.52 12.29 -10.00
N GLU A 44 -11.33 11.72 -10.25
CA GLU A 44 -11.02 10.39 -9.75
C GLU A 44 -9.56 10.42 -9.24
N ALA A 45 -9.33 9.89 -8.03
CA ALA A 45 -7.99 9.90 -7.42
C ALA A 45 -7.07 8.95 -8.16
N GLY A 46 -7.60 7.82 -8.65
CA GLY A 46 -6.70 6.87 -9.33
C GLY A 46 -6.45 7.28 -10.81
N PRO A 47 -5.65 6.45 -11.50
CA PRO A 47 -5.31 6.73 -12.89
C PRO A 47 -6.42 6.33 -13.84
N ASP A 48 -6.29 6.84 -15.07
CA ASP A 48 -7.10 6.31 -16.15
C ASP A 48 -6.89 4.81 -16.32
N ASP A 49 -7.94 4.04 -16.65
CA ASP A 49 -7.73 2.60 -16.89
C ASP A 49 -7.49 2.27 -18.39
N ARG A 50 -7.74 3.22 -19.29
CA ARG A 50 -7.50 2.93 -20.74
C ARG A 50 -6.05 2.45 -20.92
N GLY A 51 -5.86 1.36 -21.65
CA GLY A 51 -4.51 0.83 -21.83
C GLY A 51 -3.81 0.14 -20.67
N VAL A 52 -4.55 -0.30 -19.65
CA VAL A 52 -3.89 -0.89 -18.49
C VAL A 52 -4.42 -2.33 -18.52
N PRO A 53 -3.67 -3.25 -19.15
CA PRO A 53 -4.18 -4.63 -19.34
C PRO A 53 -4.47 -5.33 -18.02
N GLU A 54 -3.76 -5.08 -16.94
CA GLU A 54 -4.09 -5.82 -15.71
C GLU A 54 -5.40 -5.39 -15.05
N VAL A 55 -5.91 -4.21 -15.42
CA VAL A 55 -7.24 -3.75 -14.99
C VAL A 55 -8.27 -4.22 -16.02
N LEU A 56 -7.97 -4.05 -17.30
CA LEU A 56 -8.96 -4.31 -18.36
C LEU A 56 -9.24 -5.80 -18.57
N GLN A 57 -8.21 -6.63 -18.41
CA GLN A 57 -8.39 -8.05 -18.69
C GLN A 57 -8.94 -8.73 -17.46
N LEU A 58 -10.23 -9.08 -17.51
CA LEU A 58 -10.88 -9.64 -16.36
C LEU A 58 -10.13 -10.80 -15.67
N ASP A 59 -9.62 -11.76 -16.44
CA ASP A 59 -9.02 -12.93 -15.75
C ASP A 59 -7.74 -12.62 -14.96
N ARG A 60 -7.27 -11.37 -15.00
CA ARG A 60 -6.09 -10.98 -14.20
C ARG A 60 -6.50 -10.30 -12.91
N TRP A 61 -7.79 -10.26 -12.56
CA TRP A 61 -8.23 -9.37 -11.46
C TRP A 61 -7.55 -9.68 -10.10
N MET A 62 -7.20 -10.94 -9.82
CA MET A 62 -6.57 -11.32 -8.55
C MET A 62 -5.23 -10.63 -8.30
N GLU A 63 -4.52 -10.33 -9.38
CA GLU A 63 -3.26 -9.57 -9.27
C GLU A 63 -3.45 -8.15 -8.72
N LEU A 64 -4.68 -7.61 -8.71
CA LEU A 64 -4.81 -6.18 -8.39
C LEU A 64 -4.78 -5.89 -6.87
N LEU A 65 -5.17 -6.90 -6.08
CA LEU A 65 -5.31 -6.70 -4.63
C LEU A 65 -3.93 -6.39 -4.04
N GLU A 66 -3.86 -5.38 -3.18
CA GLU A 66 -2.60 -4.94 -2.58
C GLU A 66 -1.61 -4.42 -3.59
N SER A 67 -1.98 -4.18 -4.84
CA SER A 67 -1.00 -3.53 -5.77
C SER A 67 -1.17 -2.01 -5.62
N GLY A 68 -0.53 -1.21 -6.48
CA GLY A 68 -0.73 0.23 -6.50
C GLY A 68 -2.14 0.62 -6.90
N TYR A 69 -2.94 -0.32 -7.43
CA TYR A 69 -4.38 0.02 -7.73
C TYR A 69 -5.36 -0.24 -6.56
N ASP A 70 -4.89 -0.45 -5.33
CA ASP A 70 -5.72 -0.84 -4.17
C ASP A 70 -5.45 0.18 -3.05
N TRP A 71 -6.44 0.94 -2.59
CA TRP A 71 -6.27 1.82 -1.42
C TRP A 71 -5.87 0.95 -0.19
N ASP A 72 -6.32 -0.31 -0.13
CA ASP A 72 -5.91 -1.27 0.90
C ASP A 72 -6.20 -0.88 2.38
N TYR A 73 -7.46 -0.96 2.82
CA TYR A 73 -7.89 -0.45 4.15
C TYR A 73 -7.83 -1.64 5.15
N PRO A 74 -6.86 -1.66 6.07
CA PRO A 74 -6.99 -2.63 7.20
C PRO A 74 -8.16 -2.32 8.13
N ILE A 75 -8.67 -3.32 8.84
CA ILE A 75 -9.76 -3.08 9.77
C ILE A 75 -9.26 -2.89 11.18
N GLU A 76 -10.10 -2.31 12.04
CA GLU A 76 -9.82 -2.24 13.48
C GLU A 76 -9.79 -3.63 14.10
N PRO A 77 -9.10 -3.78 15.25
CA PRO A 77 -9.15 -5.09 15.88
C PRO A 77 -10.59 -5.64 16.12
N GLN A 78 -10.81 -6.93 15.87
CA GLN A 78 -12.19 -7.42 15.89
C GLN A 78 -12.55 -8.16 17.21
N GLU A 79 -13.69 -7.89 17.81
CA GLU A 79 -14.08 -8.57 19.07
C GLU A 79 -14.38 -10.04 18.81
N ASN A 80 -14.86 -10.37 17.61
CA ASN A 80 -15.29 -11.75 17.37
C ASN A 80 -14.98 -12.05 15.91
N GLY A 81 -13.85 -11.56 15.36
CA GLY A 81 -13.56 -11.87 13.96
C GLY A 81 -12.08 -11.78 13.69
N ASN A 82 -11.72 -11.60 12.41
CA ASN A 82 -10.32 -11.78 11.98
C ASN A 82 -9.62 -10.41 11.81
N SER A 83 -8.86 -10.02 12.83
CA SER A 83 -8.20 -8.71 12.82
C SER A 83 -7.19 -8.50 11.65
N PHE A 84 -6.76 -9.57 10.96
CA PHE A 84 -5.84 -9.45 9.80
C PHE A 84 -6.56 -9.14 8.48
N MET A 85 -7.88 -9.19 8.45
CA MET A 85 -8.66 -9.04 7.21
C MET A 85 -8.40 -7.63 6.62
N ARG A 86 -8.36 -7.51 5.30
CA ARG A 86 -8.20 -6.17 4.67
C ARG A 86 -9.36 -5.84 3.73
N HIS A 87 -9.89 -4.62 3.81
CA HIS A 87 -10.86 -4.21 2.79
C HIS A 87 -10.12 -3.67 1.59
N ALA A 88 -9.91 -4.52 0.57
CA ALA A 88 -9.39 -4.02 -0.69
C ALA A 88 -10.39 -3.07 -1.28
N ARG A 89 -9.89 -1.95 -1.83
CA ARG A 89 -10.75 -1.00 -2.58
C ARG A 89 -9.93 -0.49 -3.79
N ALA A 90 -10.48 -0.49 -5.00
CA ALA A 90 -9.73 -0.08 -6.19
C ALA A 90 -9.52 1.44 -6.18
N LYS A 91 -8.31 1.82 -6.58
CA LYS A 91 -7.95 3.22 -6.82
C LYS A 91 -7.59 3.35 -8.31
N VAL A 92 -8.62 3.60 -9.13
CA VAL A 92 -8.44 3.58 -10.59
C VAL A 92 -9.83 3.91 -11.19
N MET A 93 -9.86 4.51 -12.38
CA MET A 93 -11.15 4.75 -13.08
C MET A 93 -11.91 3.42 -13.13
N GLY A 94 -13.21 3.52 -12.88
CA GLY A 94 -14.10 2.32 -12.73
C GLY A 94 -14.27 1.93 -11.27
N GLY A 95 -13.42 2.45 -10.40
CA GLY A 95 -13.47 2.01 -8.99
C GLY A 95 -13.46 0.47 -8.86
N CYS A 96 -14.23 -0.08 -7.91
CA CYS A 96 -14.20 -1.51 -7.67
C CYS A 96 -14.78 -2.30 -8.87
N SER A 97 -15.63 -1.72 -9.74
CA SER A 97 -16.06 -2.41 -10.98
C SER A 97 -14.82 -2.60 -11.87
N SER A 98 -13.71 -1.91 -11.55
CA SER A 98 -12.44 -2.24 -12.24
C SER A 98 -11.52 -3.28 -11.54
N HIS A 99 -11.84 -3.72 -10.33
CA HIS A 99 -10.96 -4.71 -9.68
C HIS A 99 -11.72 -5.96 -9.34
N ASN A 100 -13.04 -6.01 -9.56
CA ASN A 100 -13.81 -7.11 -9.02
C ASN A 100 -13.86 -8.33 -9.99
N SER A 101 -14.62 -9.35 -9.64
CA SER A 101 -14.68 -10.53 -10.53
C SER A 101 -15.88 -10.50 -11.44
N CYS A 102 -16.48 -9.32 -11.58
CA CYS A 102 -17.54 -9.16 -12.59
C CYS A 102 -18.73 -10.10 -12.39
N ILE A 103 -19.00 -10.57 -11.17
CA ILE A 103 -20.23 -11.36 -10.99
C ILE A 103 -21.42 -10.37 -10.99
N ALA A 104 -22.40 -10.58 -11.88
CA ALA A 104 -23.38 -9.54 -12.14
C ALA A 104 -24.78 -10.11 -11.77
N PHE A 105 -25.49 -9.37 -10.89
CA PHE A 105 -26.82 -9.81 -10.49
C PHE A 105 -27.77 -8.62 -10.44
N TRP A 106 -29.02 -8.84 -10.82
CA TRP A 106 -30.07 -7.88 -10.45
C TRP A 106 -30.37 -8.23 -8.96
N ALA A 107 -30.69 -7.24 -8.14
CA ALA A 107 -31.07 -7.55 -6.74
C ALA A 107 -32.47 -8.16 -6.71
N PRO A 108 -32.77 -9.03 -5.72
CA PRO A 108 -34.12 -9.58 -5.54
C PRO A 108 -35.13 -8.44 -5.45
N ARG A 109 -36.30 -8.58 -6.05
CA ARG A 109 -37.34 -7.54 -5.91
C ARG A 109 -37.70 -7.33 -4.43
N GLU A 110 -37.62 -8.40 -3.63
CA GLU A 110 -38.03 -8.31 -2.23
C GLU A 110 -37.06 -7.44 -1.44
N ASP A 111 -35.76 -7.43 -1.76
CA ASP A 111 -34.82 -6.51 -1.15
C ASP A 111 -35.20 -5.06 -1.52
N LEU A 112 -35.33 -4.77 -2.82
CA LEU A 112 -35.55 -3.38 -3.21
C LEU A 112 -36.90 -2.85 -2.71
N ASP A 113 -37.96 -3.65 -2.71
CA ASP A 113 -39.26 -3.10 -2.33
C ASP A 113 -39.23 -2.71 -0.85
N GLU A 114 -38.38 -3.37 -0.06
CA GLU A 114 -38.27 -3.08 1.39
C GLU A 114 -37.55 -1.76 1.67
N TRP A 115 -36.76 -1.25 0.71
CA TRP A 115 -36.16 0.08 0.97
C TRP A 115 -37.25 1.15 1.20
N GLU A 116 -38.28 1.14 0.38
CA GLU A 116 -39.42 2.05 0.63
C GLU A 116 -40.30 1.46 1.73
N ALA A 117 -40.71 0.19 1.66
CA ALA A 117 -41.80 -0.30 2.55
C ALA A 117 -41.38 -0.38 4.00
N LYS A 118 -40.11 -0.68 4.24
CA LYS A 118 -39.64 -0.93 5.60
C LYS A 118 -38.68 0.14 6.07
N TYR A 119 -37.85 0.71 5.19
CA TYR A 119 -36.85 1.66 5.65
C TYR A 119 -37.11 3.11 5.28
N GLY A 120 -38.32 3.45 4.86
CA GLY A 120 -38.63 4.89 4.76
C GLY A 120 -38.21 5.59 3.47
N ALA A 121 -37.55 4.88 2.55
CA ALA A 121 -36.96 5.53 1.36
C ALA A 121 -37.98 5.61 0.23
N THR A 122 -38.85 6.60 0.32
CA THR A 122 -39.97 6.81 -0.63
C THR A 122 -39.48 6.67 -2.07
N GLY A 123 -40.13 5.85 -2.90
CA GLY A 123 -39.75 5.82 -4.30
C GLY A 123 -38.66 4.80 -4.65
N TRP A 124 -38.06 4.17 -3.65
CA TRP A 124 -37.01 3.16 -3.87
C TRP A 124 -37.68 1.79 -3.71
N ASN A 125 -37.97 1.16 -4.84
CA ASN A 125 -38.63 -0.15 -4.85
C ASN A 125 -38.31 -0.84 -6.18
N ALA A 126 -38.86 -2.04 -6.40
CA ALA A 126 -38.49 -2.72 -7.65
C ALA A 126 -39.04 -2.01 -8.93
N GLU A 127 -40.18 -1.34 -8.82
CA GLU A 127 -40.75 -0.53 -9.90
C GLU A 127 -39.78 0.52 -10.44
N ALA A 128 -39.08 1.16 -9.51
CA ALA A 128 -38.10 2.20 -9.90
C ALA A 128 -36.81 1.58 -10.44
N ALA A 129 -36.39 0.42 -9.90
CA ALA A 129 -35.12 -0.22 -10.28
C ALA A 129 -35.19 -0.99 -11.62
N TRP A 130 -36.28 -1.73 -11.83
CA TRP A 130 -36.34 -2.64 -13.00
C TRP A 130 -36.08 -1.95 -14.34
N PRO A 131 -36.71 -0.78 -14.63
CA PRO A 131 -36.38 -0.15 -15.94
C PRO A 131 -34.95 0.36 -16.01
N LEU A 132 -34.33 0.60 -14.87
CA LEU A 132 -32.94 1.09 -14.82
C LEU A 132 -31.91 -0.06 -15.00
N TYR A 133 -32.18 -1.22 -14.40
CA TYR A 133 -31.33 -2.40 -14.72
C TYR A 133 -31.51 -2.70 -16.25
N LYS A 134 -32.75 -2.56 -16.77
CA LYS A 134 -33.00 -2.80 -18.20
C LYS A 134 -32.15 -1.82 -19.04
N ARG A 135 -32.16 -0.54 -18.68
CA ARG A 135 -31.46 0.54 -19.47
C ARG A 135 -29.93 0.36 -19.38
N LEU A 136 -29.39 -0.08 -18.25
CA LEU A 136 -27.93 -0.15 -18.12
C LEU A 136 -27.33 -1.37 -18.83
N GLU A 137 -28.10 -2.43 -19.09
CA GLU A 137 -27.47 -3.68 -19.54
C GLU A 137 -27.72 -3.98 -21.03
N THR A 138 -26.83 -4.75 -21.62
CA THR A 138 -27.08 -5.51 -22.84
C THR A 138 -26.88 -6.95 -22.32
N ASN A 139 -27.95 -7.67 -22.08
CA ASN A 139 -27.86 -9.00 -21.52
C ASN A 139 -28.00 -10.07 -22.61
N GLU A 140 -27.15 -11.09 -22.53
CA GLU A 140 -27.25 -12.23 -23.46
C GLU A 140 -28.63 -12.92 -23.39
N ASP A 141 -29.36 -12.87 -22.28
CA ASP A 141 -30.65 -13.58 -22.21
C ASP A 141 -31.82 -12.71 -22.68
N ALA A 142 -31.55 -11.48 -23.16
CA ALA A 142 -32.66 -10.63 -23.56
C ALA A 142 -33.45 -11.22 -24.74
N GLY A 143 -34.74 -10.91 -24.76
CA GLY A 143 -35.56 -11.50 -25.86
C GLY A 143 -37.01 -11.41 -25.45
N PRO A 144 -37.93 -11.72 -26.36
CA PRO A 144 -39.34 -11.44 -26.00
C PRO A 144 -39.94 -12.36 -24.91
N ASP A 145 -39.33 -13.50 -24.62
CA ASP A 145 -39.78 -14.34 -23.49
C ASP A 145 -39.06 -13.96 -22.20
N ALA A 146 -38.23 -12.90 -22.24
CA ALA A 146 -37.62 -12.27 -21.04
C ALA A 146 -37.61 -10.74 -21.18
N PRO A 147 -38.79 -10.10 -21.32
CA PRO A 147 -38.89 -8.66 -21.62
C PRO A 147 -38.38 -7.74 -20.56
N HIS A 148 -38.11 -8.19 -19.32
CA HIS A 148 -37.43 -7.36 -18.36
C HIS A 148 -36.01 -7.03 -18.76
N HIS A 149 -35.35 -7.87 -19.54
CA HIS A 149 -33.91 -7.66 -19.79
C HIS A 149 -33.64 -6.53 -20.79
N GLY A 150 -32.47 -5.87 -20.67
CA GLY A 150 -32.05 -4.86 -21.64
C GLY A 150 -31.28 -5.54 -22.76
N ASP A 151 -31.40 -5.01 -23.98
CA ASP A 151 -30.58 -5.51 -25.09
C ASP A 151 -29.72 -4.38 -25.70
N SER A 152 -29.64 -3.18 -25.08
CA SER A 152 -29.01 -2.01 -25.71
C SER A 152 -28.11 -1.25 -24.79
N GLY A 153 -28.02 -1.64 -23.51
CA GLY A 153 -27.38 -0.81 -22.49
C GLY A 153 -25.85 -0.95 -22.58
N PRO A 154 -25.12 -0.02 -21.94
CA PRO A 154 -23.66 -0.05 -22.09
C PRO A 154 -22.93 -1.16 -21.34
N VAL A 155 -23.55 -1.71 -20.29
CA VAL A 155 -22.89 -2.76 -19.51
C VAL A 155 -23.23 -4.17 -20.06
N HIS A 156 -22.27 -4.87 -20.62
CA HIS A 156 -22.59 -6.14 -21.32
C HIS A 156 -22.56 -7.30 -20.31
N LEU A 157 -23.62 -8.11 -20.28
CA LEU A 157 -23.73 -9.20 -19.34
C LEU A 157 -23.80 -10.46 -20.17
N MET A 158 -22.95 -11.43 -19.85
CA MET A 158 -22.95 -12.72 -20.61
C MET A 158 -22.97 -13.87 -19.63
N ASN A 159 -23.40 -15.06 -20.09
CA ASN A 159 -23.40 -16.30 -19.30
C ASN A 159 -21.98 -16.87 -19.33
N VAL A 160 -21.47 -17.34 -18.19
CA VAL A 160 -20.17 -17.98 -18.16
C VAL A 160 -20.41 -19.32 -18.86
N PRO A 161 -19.66 -19.64 -19.93
CA PRO A 161 -19.97 -20.95 -20.52
C PRO A 161 -19.56 -22.09 -19.59
N PRO A 162 -20.33 -23.18 -19.56
CA PRO A 162 -20.01 -24.30 -18.67
C PRO A 162 -18.79 -25.14 -19.05
N LYS A 163 -17.57 -24.61 -19.16
CA LYS A 163 -16.41 -25.37 -19.62
C LYS A 163 -15.65 -26.05 -18.50
N ASP A 164 -15.64 -25.53 -17.27
CA ASP A 164 -14.85 -26.15 -16.19
C ASP A 164 -15.50 -27.49 -15.76
N PRO A 165 -14.85 -28.64 -16.06
CA PRO A 165 -15.50 -29.94 -15.69
C PRO A 165 -15.70 -30.03 -14.18
N THR A 166 -14.84 -29.43 -13.37
CA THR A 166 -15.09 -29.45 -11.93
C THR A 166 -16.34 -28.68 -11.54
N GLY A 167 -16.56 -27.53 -12.20
CA GLY A 167 -17.76 -26.74 -11.92
C GLY A 167 -19.02 -27.47 -12.38
N VAL A 168 -19.03 -28.12 -13.54
CA VAL A 168 -20.17 -28.93 -13.96
C VAL A 168 -20.45 -30.03 -12.92
N ALA A 169 -19.42 -30.75 -12.49
CA ALA A 169 -19.59 -31.78 -11.44
C ALA A 169 -20.12 -31.20 -10.14
N LEU A 170 -19.67 -30.02 -9.76
CA LEU A 170 -20.14 -29.41 -8.52
C LEU A 170 -21.63 -29.08 -8.61
N LEU A 171 -22.07 -28.56 -9.76
CA LEU A 171 -23.51 -28.35 -9.95
C LEU A 171 -24.31 -29.66 -9.98
N ASP A 172 -23.79 -30.70 -10.64
CA ASP A 172 -24.35 -32.04 -10.42
C ASP A 172 -24.42 -32.48 -8.92
N ALA A 173 -23.37 -32.21 -8.15
CA ALA A 173 -23.40 -32.45 -6.69
C ALA A 173 -24.46 -31.60 -5.95
N CYS A 174 -24.57 -30.31 -6.30
CA CYS A 174 -25.65 -29.46 -5.81
C CYS A 174 -26.99 -30.16 -6.05
N GLU A 175 -27.28 -30.56 -7.30
CA GLU A 175 -28.55 -31.28 -7.56
C GLU A 175 -28.77 -32.53 -6.68
N GLN A 176 -27.71 -33.33 -6.45
CA GLN A 176 -27.83 -34.52 -5.59
C GLN A 176 -28.08 -34.12 -4.13
N ALA A 177 -27.55 -32.96 -3.69
CA ALA A 177 -27.79 -32.44 -2.34
C ALA A 177 -29.13 -31.70 -2.20
N GLY A 178 -29.96 -31.63 -3.23
CA GLY A 178 -31.29 -30.98 -3.16
C GLY A 178 -31.28 -29.49 -3.59
N ILE A 179 -30.26 -29.03 -4.31
CA ILE A 179 -30.14 -27.61 -4.77
C ILE A 179 -30.13 -27.67 -6.31
N PRO A 180 -31.25 -27.34 -6.95
CA PRO A 180 -31.33 -27.57 -8.42
C PRO A 180 -30.54 -26.51 -9.18
N ARG A 181 -30.29 -26.74 -10.47
CA ARG A 181 -29.73 -25.64 -11.25
C ARG A 181 -30.82 -24.58 -11.41
N ALA A 182 -30.46 -23.31 -11.37
CA ALA A 182 -31.45 -22.26 -11.51
C ALA A 182 -30.89 -21.21 -12.47
N LYS A 183 -31.79 -20.59 -13.22
CA LYS A 183 -31.34 -19.50 -14.09
C LYS A 183 -31.27 -18.20 -13.25
N PHE A 184 -30.20 -17.41 -13.43
CA PHE A 184 -30.06 -16.20 -12.67
C PHE A 184 -30.63 -15.01 -13.45
N ASN A 185 -30.92 -13.91 -12.73
CA ASN A 185 -31.38 -12.68 -13.32
C ASN A 185 -32.63 -12.79 -14.20
N THR A 186 -33.58 -13.65 -13.83
CA THR A 186 -34.85 -13.79 -14.56
C THR A 186 -35.85 -12.81 -14.03
N GLY A 187 -35.52 -12.14 -12.94
CA GLY A 187 -36.50 -11.30 -12.23
C GLY A 187 -37.20 -11.99 -11.07
N THR A 188 -37.10 -13.32 -11.00
CA THR A 188 -37.65 -14.08 -9.89
C THR A 188 -36.48 -14.48 -8.99
N THR A 189 -36.57 -14.24 -7.68
CA THR A 189 -35.44 -14.49 -6.77
C THR A 189 -35.12 -15.97 -6.69
N VAL A 190 -33.84 -16.32 -6.65
CA VAL A 190 -33.49 -17.77 -6.45
C VAL A 190 -33.25 -17.89 -4.94
N VAL A 191 -34.00 -18.75 -4.27
CA VAL A 191 -33.83 -18.98 -2.81
C VAL A 191 -33.03 -20.29 -2.67
N ASN A 192 -33.34 -21.27 -3.49
CA ASN A 192 -32.56 -22.54 -3.45
C ASN A 192 -32.18 -22.91 -4.89
N GLY A 193 -30.94 -22.68 -5.33
CA GLY A 193 -30.64 -22.93 -6.74
C GLY A 193 -29.15 -22.55 -6.84
N ALA A 194 -28.55 -22.99 -7.94
CA ALA A 194 -27.12 -22.80 -8.16
C ALA A 194 -26.88 -22.79 -9.67
N ASN A 195 -25.84 -22.10 -10.12
CA ASN A 195 -25.47 -22.18 -11.54
C ASN A 195 -24.17 -21.42 -11.79
N PHE A 196 -23.70 -21.50 -13.01
CA PHE A 196 -22.63 -20.61 -13.43
C PHE A 196 -23.20 -19.19 -13.48
N PHE A 197 -22.39 -18.18 -13.16
CA PHE A 197 -22.92 -16.81 -13.08
C PHE A 197 -23.13 -16.17 -14.44
N GLN A 198 -23.89 -15.08 -14.43
CA GLN A 198 -23.74 -14.10 -15.53
C GLN A 198 -22.62 -13.16 -15.04
N ILE A 199 -21.76 -12.74 -15.97
CA ILE A 199 -20.66 -11.82 -15.61
C ILE A 199 -20.79 -10.60 -16.52
N ASN A 200 -20.37 -9.43 -16.02
CA ASN A 200 -20.41 -8.22 -16.85
C ASN A 200 -19.04 -8.19 -17.52
N ARG A 201 -18.91 -8.94 -18.61
CA ARG A 201 -17.66 -9.00 -19.35
C ARG A 201 -17.99 -8.90 -20.84
N ARG A 202 -17.11 -8.23 -21.58
CA ARG A 202 -17.20 -8.25 -23.02
C ARG A 202 -16.66 -9.53 -23.68
N ALA A 203 -17.09 -9.74 -24.92
CA ALA A 203 -16.76 -10.98 -25.67
C ALA A 203 -15.23 -11.06 -25.80
N ASP A 204 -14.49 -9.95 -25.83
CA ASP A 204 -13.02 -10.10 -25.97
C ASP A 204 -12.22 -10.31 -24.68
N GLY A 205 -12.89 -10.44 -23.54
CA GLY A 205 -12.26 -10.67 -22.26
C GLY A 205 -12.11 -9.41 -21.40
N THR A 206 -12.56 -8.27 -21.93
CA THR A 206 -12.42 -6.98 -21.20
C THR A 206 -13.57 -6.88 -20.20
N ARG A 207 -13.25 -6.54 -18.96
CA ARG A 207 -14.33 -6.32 -17.97
C ARG A 207 -15.28 -5.20 -18.42
N SER A 208 -16.59 -5.38 -18.30
CA SER A 208 -17.53 -4.29 -18.66
C SER A 208 -17.68 -3.41 -17.42
N SER A 209 -16.57 -2.80 -16.97
CA SER A 209 -16.53 -1.94 -15.76
C SER A 209 -17.35 -0.68 -16.05
N SER A 210 -17.65 0.12 -15.03
CA SER A 210 -18.45 1.32 -15.34
C SER A 210 -17.64 2.28 -16.20
N SER A 211 -16.32 2.25 -16.11
CA SER A 211 -15.50 3.15 -16.92
C SER A 211 -15.44 2.64 -18.37
N VAL A 212 -15.18 1.36 -18.58
CA VAL A 212 -15.29 0.81 -19.95
C VAL A 212 -16.64 1.09 -20.59
N SER A 213 -17.72 0.89 -19.82
CA SER A 213 -19.05 0.86 -20.41
C SER A 213 -19.57 2.28 -20.57
N TYR A 214 -19.45 3.12 -19.55
CA TYR A 214 -19.98 4.48 -19.64
C TYR A 214 -19.02 5.64 -20.05
N ILE A 215 -17.74 5.50 -19.74
CA ILE A 215 -16.81 6.64 -19.85
C ILE A 215 -15.94 6.58 -21.11
N HIS A 216 -15.38 5.42 -21.43
CA HIS A 216 -14.51 5.35 -22.60
C HIS A 216 -15.20 5.90 -23.87
N PRO A 217 -16.51 5.62 -24.09
CA PRO A 217 -17.11 6.17 -25.30
C PRO A 217 -17.27 7.68 -25.34
N ILE A 218 -17.21 8.33 -24.19
CA ILE A 218 -17.54 9.76 -24.15
C ILE A 218 -16.40 10.71 -23.77
N VAL A 219 -15.17 10.19 -23.70
CA VAL A 219 -14.04 10.98 -23.16
C VAL A 219 -13.86 12.28 -23.95
N GLU A 220 -14.11 12.21 -25.25
CA GLU A 220 -13.90 13.35 -26.12
C GLU A 220 -15.15 14.18 -26.28
N GLN A 221 -16.22 13.87 -25.55
CA GLN A 221 -17.45 14.60 -25.74
C GLN A 221 -17.29 16.07 -25.30
N GLU A 222 -17.98 16.99 -25.96
CA GLU A 222 -17.77 18.46 -25.76
C GLU A 222 -17.99 18.95 -24.32
N ASN A 223 -19.01 18.42 -23.67
CA ASN A 223 -19.43 18.97 -22.38
C ASN A 223 -18.88 18.11 -21.21
N PHE A 224 -17.92 17.22 -21.49
CA PHE A 224 -17.42 16.24 -20.52
C PHE A 224 -15.93 16.43 -20.21
N THR A 225 -15.56 16.44 -18.93
CA THR A 225 -14.16 16.60 -18.55
C THR A 225 -13.83 15.46 -17.58
N LEU A 226 -12.88 14.61 -17.95
CA LEU A 226 -12.42 13.56 -16.99
C LEU A 226 -11.10 14.00 -16.32
N LEU A 227 -11.04 14.05 -14.99
CA LEU A 227 -9.83 14.49 -14.26
C LEU A 227 -9.32 13.31 -13.44
N THR A 228 -8.16 12.73 -13.78
CA THR A 228 -7.68 11.58 -12.99
C THR A 228 -6.42 11.99 -12.22
N GLY A 229 -6.07 11.23 -11.18
CA GLY A 229 -4.86 11.46 -10.40
C GLY A 229 -5.16 12.59 -9.41
N LEU A 230 -6.43 12.93 -9.16
CA LEU A 230 -6.71 14.09 -8.31
C LEU A 230 -7.59 13.65 -7.12
N ARG A 231 -7.14 13.95 -5.91
CA ARG A 231 -7.79 13.32 -4.73
C ARG A 231 -8.62 14.39 -4.02
N ALA A 232 -9.92 14.20 -3.77
CA ALA A 232 -10.72 15.23 -3.08
C ALA A 232 -10.34 15.16 -1.63
N ARG A 233 -10.15 16.33 -1.00
CA ARG A 233 -9.83 16.38 0.42
C ARG A 233 -10.96 17.02 1.24
N GLN A 234 -11.84 17.79 0.60
CA GLN A 234 -13.07 18.25 1.25
C GLN A 234 -14.05 18.91 0.28
N LEU A 235 -15.33 18.86 0.62
CA LEU A 235 -16.39 19.54 -0.08
C LEU A 235 -16.49 20.93 0.55
N VAL A 236 -16.79 21.93 -0.28
CA VAL A 236 -16.85 23.26 0.31
C VAL A 236 -18.23 23.88 0.15
N PHE A 237 -18.65 24.71 1.12
CA PHE A 237 -20.03 25.19 1.22
C PHE A 237 -19.93 26.72 1.38
N ASP A 238 -20.85 27.42 0.74
CA ASP A 238 -20.96 28.87 0.97
C ASP A 238 -21.73 29.15 2.27
N ALA A 239 -21.88 30.44 2.56
CA ALA A 239 -22.44 30.83 3.84
C ALA A 239 -23.93 30.44 3.82
N ASP A 240 -24.53 30.20 2.66
CA ASP A 240 -25.85 29.57 2.65
C ASP A 240 -25.98 28.06 2.94
N ARG A 241 -24.87 27.39 3.25
CA ARG A 241 -24.84 25.92 3.30
C ARG A 241 -25.15 25.30 1.93
N ARG A 242 -24.95 26.02 0.83
CA ARG A 242 -25.01 25.41 -0.52
C ARG A 242 -23.62 24.88 -0.90
N CYS A 243 -23.52 23.62 -1.35
CA CYS A 243 -22.20 23.05 -1.74
C CYS A 243 -21.75 23.71 -3.06
N THR A 244 -20.57 24.34 -3.08
CA THR A 244 -20.14 25.11 -4.25
C THR A 244 -19.06 24.34 -5.03
N GLY A 245 -18.62 23.16 -4.56
CA GLY A 245 -17.46 22.55 -5.22
C GLY A 245 -16.61 21.69 -4.33
N VAL A 246 -15.41 21.38 -4.78
CA VAL A 246 -14.61 20.40 -4.07
C VAL A 246 -13.18 20.86 -4.11
N ASP A 247 -12.45 20.69 -3.00
CA ASP A 247 -11.00 20.92 -3.00
C ASP A 247 -10.28 19.61 -3.33
N ILE A 248 -9.41 19.64 -4.37
CA ILE A 248 -8.70 18.44 -4.80
C ILE A 248 -7.18 18.66 -4.65
N VAL A 249 -6.42 17.59 -4.55
CA VAL A 249 -4.99 17.69 -4.33
C VAL A 249 -4.30 16.92 -5.47
N ASP A 250 -3.27 17.51 -6.08
CA ASP A 250 -2.49 16.87 -7.16
C ASP A 250 -1.40 15.99 -6.52
N SER A 251 -0.90 15.03 -7.29
CA SER A 251 0.22 14.16 -6.90
C SER A 251 1.64 14.75 -6.96
N ALA A 252 1.85 15.84 -7.68
CA ALA A 252 3.19 16.45 -7.75
C ALA A 252 3.57 16.99 -6.36
N PHE A 253 2.95 18.08 -5.93
CA PHE A 253 3.37 18.70 -4.64
C PHE A 253 2.32 18.65 -3.53
N GLY A 254 1.20 18.06 -3.85
CA GLY A 254 0.14 18.02 -2.86
C GLY A 254 -0.45 19.42 -2.72
N HIS A 255 -0.43 20.24 -3.78
CA HIS A 255 -1.15 21.54 -3.69
C HIS A 255 -2.68 21.33 -3.78
N THR A 256 -3.49 22.25 -3.25
CA THR A 256 -4.95 22.10 -3.24
C THR A 256 -5.55 23.01 -4.30
N HIS A 257 -6.50 22.52 -5.08
CA HIS A 257 -7.10 23.31 -6.15
C HIS A 257 -8.59 23.22 -6.00
N ARG A 258 -9.31 24.27 -6.38
CA ARG A 258 -10.77 24.29 -6.23
C ARG A 258 -11.40 24.04 -7.60
N LEU A 259 -12.35 23.12 -7.62
CA LEU A 259 -13.30 22.99 -8.75
C LEU A 259 -14.66 23.43 -8.23
N THR A 260 -15.40 24.15 -9.07
CA THR A 260 -16.65 24.79 -8.63
C THR A 260 -17.81 24.16 -9.47
N ALA A 261 -18.95 23.92 -8.80
CA ALA A 261 -20.15 23.43 -9.48
C ALA A 261 -21.26 24.47 -9.36
N ARG A 262 -21.91 24.74 -10.48
CA ARG A 262 -22.94 25.78 -10.50
C ARG A 262 -24.23 25.09 -10.02
N ASN A 263 -24.46 23.82 -10.35
CA ASN A 263 -25.73 23.19 -10.00
C ASN A 263 -25.59 22.24 -8.80
N GLU A 264 -24.92 21.10 -8.98
CA GLU A 264 -24.78 20.13 -7.87
C GLU A 264 -23.45 19.38 -7.92
N VAL A 265 -22.96 18.96 -6.75
CA VAL A 265 -21.87 18.00 -6.60
C VAL A 265 -22.52 16.66 -6.21
N VAL A 266 -22.02 15.59 -6.81
CA VAL A 266 -22.46 14.25 -6.45
C VAL A 266 -21.24 13.55 -5.89
N LEU A 267 -21.36 13.08 -4.66
CA LEU A 267 -20.25 12.37 -4.06
C LEU A 267 -20.41 10.84 -4.27
N SER A 268 -19.43 10.18 -4.91
CA SER A 268 -19.57 8.77 -5.28
C SER A 268 -18.28 8.08 -4.93
N THR A 269 -17.59 8.50 -3.87
CA THR A 269 -16.32 7.86 -3.51
C THR A 269 -16.45 6.48 -2.80
N GLY A 270 -17.67 5.92 -2.67
CA GLY A 270 -17.80 4.56 -2.09
C GLY A 270 -18.03 4.53 -0.57
N ALA A 271 -18.36 3.37 -0.01
CA ALA A 271 -18.87 3.25 1.36
C ALA A 271 -17.82 3.54 2.44
N ILE A 272 -16.53 3.43 2.09
CA ILE A 272 -15.48 3.82 3.06
C ILE A 272 -15.10 5.29 2.85
N ASP A 273 -14.83 5.71 1.63
CA ASP A 273 -14.34 7.08 1.45
C ASP A 273 -15.39 8.18 1.54
N THR A 274 -16.63 7.87 1.15
CA THR A 274 -17.68 8.91 1.22
C THR A 274 -17.94 9.45 2.67
N PRO A 275 -18.23 8.53 3.64
CA PRO A 275 -18.40 9.05 5.00
C PRO A 275 -17.20 9.84 5.48
N LYS A 276 -15.99 9.37 5.15
CA LYS A 276 -14.78 10.13 5.56
C LYS A 276 -14.75 11.53 4.95
N LEU A 277 -15.10 11.69 3.65
CA LEU A 277 -15.09 13.02 3.05
C LEU A 277 -16.16 13.94 3.64
N LEU A 278 -17.34 13.38 3.92
CA LEU A 278 -18.41 14.17 4.55
C LEU A 278 -17.96 14.64 5.92
N MET A 279 -17.37 13.75 6.74
CA MET A 279 -16.86 14.22 8.06
C MET A 279 -15.77 15.26 8.00
N LEU A 280 -14.77 15.03 7.13
CA LEU A 280 -13.75 16.07 6.87
C LEU A 280 -14.40 17.40 6.46
N SER A 281 -15.60 17.35 5.91
CA SER A 281 -16.23 18.57 5.32
C SER A 281 -17.23 19.20 6.30
N GLY A 282 -17.29 18.65 7.52
CA GLY A 282 -18.08 19.18 8.61
C GLY A 282 -19.48 18.52 8.74
N ILE A 283 -19.72 17.37 8.11
CA ILE A 283 -21.07 16.78 8.12
C ILE A 283 -20.88 15.37 8.74
N GLY A 284 -21.36 15.14 9.96
CA GLY A 284 -21.09 13.86 10.64
C GLY A 284 -21.50 13.98 12.09
N PRO A 285 -21.27 12.90 12.87
CA PRO A 285 -21.59 12.92 14.31
C PRO A 285 -20.82 14.04 15.03
N ALA A 286 -21.51 14.99 15.68
CA ALA A 286 -20.90 16.23 16.16
C ALA A 286 -19.73 16.01 17.12
N ALA A 287 -19.90 15.07 18.05
CA ALA A 287 -18.84 14.89 19.04
C ALA A 287 -17.60 14.26 18.39
N HIS A 288 -17.80 13.36 17.43
CA HIS A 288 -16.67 12.79 16.68
C HIS A 288 -15.87 13.84 15.87
N LEU A 289 -16.61 14.71 15.17
CA LEU A 289 -15.94 15.82 14.46
C LEU A 289 -15.23 16.76 15.44
N ALA A 290 -15.87 17.11 16.54
CA ALA A 290 -15.26 18.09 17.51
C ALA A 290 -13.96 17.48 18.07
N GLU A 291 -13.95 16.19 18.30
CA GLU A 291 -12.76 15.59 18.84
C GLU A 291 -11.60 15.59 17.81
N HIS A 292 -11.85 15.82 16.52
CA HIS A 292 -10.76 16.00 15.56
C HIS A 292 -10.54 17.44 15.14
N GLY A 293 -11.13 18.37 15.90
CA GLY A 293 -10.98 19.80 15.61
C GLY A 293 -11.81 20.24 14.42
N ILE A 294 -12.79 19.47 13.94
CA ILE A 294 -13.57 19.87 12.74
C ILE A 294 -14.82 20.66 13.13
N GLU A 295 -15.05 21.83 12.53
CA GLU A 295 -16.24 22.64 12.79
C GLU A 295 -17.47 21.91 12.24
N VAL A 296 -18.47 21.73 13.10
CA VAL A 296 -19.68 20.99 12.67
C VAL A 296 -20.56 21.89 11.80
N LEU A 297 -20.74 21.55 10.54
CA LEU A 297 -21.70 22.27 9.75
C LEU A 297 -23.10 21.58 9.88
N VAL A 298 -23.16 20.25 9.84
CA VAL A 298 -24.38 19.50 10.09
C VAL A 298 -24.08 18.37 11.06
N ASP A 299 -24.85 18.29 12.12
CA ASP A 299 -24.72 17.18 13.03
C ASP A 299 -25.57 16.10 12.43
N SER A 300 -24.89 15.07 11.89
CA SER A 300 -25.59 14.09 11.09
C SER A 300 -25.09 12.75 11.62
N PRO A 301 -25.77 12.20 12.66
CA PRO A 301 -25.21 11.09 13.42
C PRO A 301 -25.16 9.74 12.69
N GLY A 302 -25.83 9.58 11.55
CA GLY A 302 -25.79 8.31 10.84
C GLY A 302 -24.60 8.28 9.86
N VAL A 303 -23.81 9.33 9.75
CA VAL A 303 -22.69 9.31 8.80
C VAL A 303 -21.58 8.42 9.33
N GLY A 304 -21.23 7.39 8.58
CA GLY A 304 -20.25 6.43 9.13
C GLY A 304 -20.85 5.31 9.99
N GLU A 305 -22.17 5.33 10.27
CA GLU A 305 -22.82 4.29 11.10
C GLU A 305 -23.48 3.31 10.12
N HIS A 306 -23.96 2.21 10.66
CA HIS A 306 -24.71 1.21 9.85
C HIS A 306 -23.90 0.46 8.79
N LEU A 307 -22.59 0.44 8.95
CA LEU A 307 -21.81 -0.34 7.99
C LEU A 307 -22.20 -1.82 7.96
N GLN A 308 -22.43 -2.30 6.74
CA GLN A 308 -22.85 -3.65 6.52
C GLN A 308 -21.89 -4.29 5.54
N ASP A 309 -21.84 -5.62 5.56
CA ASP A 309 -21.00 -6.34 4.60
C ASP A 309 -21.57 -7.76 4.50
N HIS A 310 -21.05 -8.52 3.53
CA HIS A 310 -21.24 -9.99 3.43
C HIS A 310 -19.94 -10.67 3.98
N PRO A 311 -19.92 -11.10 5.25
CA PRO A 311 -18.74 -11.73 5.82
C PRO A 311 -18.59 -13.11 5.13
N GLU A 312 -17.39 -13.66 4.99
CA GLU A 312 -17.23 -14.84 4.14
C GLU A 312 -16.31 -15.87 4.83
N GLY A 313 -16.65 -17.15 4.75
CA GLY A 313 -15.78 -18.22 5.26
C GLY A 313 -15.12 -18.98 4.14
N VAL A 314 -14.25 -19.96 4.39
CA VAL A 314 -13.81 -20.74 3.23
C VAL A 314 -13.61 -22.19 3.69
N VAL A 315 -13.93 -23.11 2.76
CA VAL A 315 -13.57 -24.51 2.92
C VAL A 315 -12.72 -24.83 1.70
N GLN A 316 -11.51 -25.32 1.90
CA GLN A 316 -10.56 -25.51 0.79
C GLN A 316 -10.27 -27.04 0.74
N PHE A 317 -10.22 -27.58 -0.49
CA PHE A 317 -9.95 -28.97 -0.76
C PHE A 317 -8.80 -29.08 -1.74
N GLU A 318 -8.00 -30.12 -1.57
CA GLU A 318 -7.08 -30.54 -2.60
C GLU A 318 -7.86 -31.23 -3.73
N ALA A 319 -7.48 -30.97 -4.98
CA ALA A 319 -8.24 -31.54 -6.11
C ALA A 319 -7.61 -32.87 -6.48
N LYS A 320 -8.39 -33.88 -6.84
CA LYS A 320 -7.81 -35.20 -7.17
C LYS A 320 -7.23 -35.29 -8.61
N GLN A 321 -7.50 -34.32 -9.50
CA GLN A 321 -7.04 -34.28 -10.88
C GLN A 321 -6.59 -32.83 -11.11
N PRO A 322 -5.79 -32.56 -12.18
CA PRO A 322 -5.43 -31.18 -12.56
C PRO A 322 -6.63 -30.23 -12.73
N MET A 323 -6.61 -29.09 -12.05
CA MET A 323 -7.72 -28.14 -12.15
C MET A 323 -7.53 -27.33 -13.43
N VAL A 324 -8.55 -26.61 -13.91
CA VAL A 324 -8.48 -25.86 -15.20
C VAL A 324 -7.35 -24.85 -15.16
N ALA A 325 -6.68 -24.66 -16.29
CA ALA A 325 -5.58 -23.66 -16.29
C ALA A 325 -6.06 -22.29 -16.78
N GLU A 326 -7.31 -22.15 -17.22
CA GLU A 326 -7.80 -20.86 -17.73
C GLU A 326 -9.23 -20.73 -17.29
N SER A 327 -9.73 -19.51 -17.27
CA SER A 327 -11.04 -19.28 -16.66
C SER A 327 -11.55 -17.90 -17.05
N THR A 328 -12.86 -17.62 -16.89
CA THR A 328 -13.25 -16.23 -17.01
C THR A 328 -12.73 -15.38 -15.83
N GLN A 329 -12.93 -15.82 -14.58
CA GLN A 329 -12.54 -14.98 -13.46
C GLN A 329 -12.36 -15.82 -12.18
N TRP A 330 -12.20 -17.14 -12.37
CA TRP A 330 -11.76 -18.14 -11.38
C TRP A 330 -12.84 -18.43 -10.32
N TRP A 331 -13.97 -17.71 -10.33
CA TRP A 331 -15.03 -17.88 -9.31
C TRP A 331 -16.40 -17.86 -10.04
N GLU A 332 -16.64 -18.93 -10.78
CA GLU A 332 -17.62 -18.88 -11.87
C GLU A 332 -18.99 -19.37 -11.46
N ILE A 333 -19.17 -19.87 -10.23
CA ILE A 333 -20.47 -20.52 -9.85
C ILE A 333 -20.93 -19.93 -8.51
N GLY A 334 -22.24 -19.75 -8.34
CA GLY A 334 -22.75 -19.34 -7.07
C GLY A 334 -23.88 -20.30 -6.69
N ILE A 335 -24.06 -20.49 -5.39
CA ILE A 335 -25.03 -21.46 -4.87
C ILE A 335 -25.82 -20.70 -3.82
N PHE A 336 -27.15 -20.74 -3.91
CA PHE A 336 -27.96 -20.07 -2.93
C PHE A 336 -28.76 -21.15 -2.22
N THR A 337 -28.95 -21.00 -0.93
CA THR A 337 -29.75 -22.03 -0.24
C THR A 337 -30.24 -21.56 1.11
N PRO A 338 -31.45 -21.94 1.54
CA PRO A 338 -31.88 -21.22 2.77
C PRO A 338 -31.48 -22.09 3.99
N THR A 339 -31.02 -21.54 5.10
CA THR A 339 -30.78 -22.43 6.25
C THR A 339 -32.02 -22.61 7.16
N GLU A 340 -33.14 -21.97 6.88
CA GLU A 340 -34.35 -22.18 7.69
C GLU A 340 -35.53 -22.00 6.78
N ASP A 341 -36.68 -22.42 7.26
CA ASP A 341 -37.90 -22.36 6.44
C ASP A 341 -38.57 -21.00 6.41
N GLY A 342 -39.42 -20.84 5.40
CA GLY A 342 -40.19 -19.58 5.25
C GLY A 342 -39.47 -18.35 4.70
N LEU A 343 -38.33 -18.47 4.03
CA LEU A 343 -37.63 -17.23 3.61
C LEU A 343 -38.01 -16.94 2.18
N ASP A 344 -38.11 -15.67 1.80
CA ASP A 344 -38.35 -15.35 0.42
C ASP A 344 -37.02 -14.93 -0.24
N ARG A 345 -35.92 -14.89 0.52
CA ARG A 345 -34.60 -14.75 -0.06
C ARG A 345 -33.69 -15.71 0.70
N PRO A 346 -32.61 -16.16 0.07
CA PRO A 346 -31.74 -17.14 0.72
C PRO A 346 -30.95 -16.35 1.79
N ASP A 347 -30.69 -16.99 2.91
CA ASP A 347 -29.85 -16.36 3.96
C ASP A 347 -28.34 -16.65 3.83
N LEU A 348 -28.02 -17.54 2.91
CA LEU A 348 -26.68 -18.14 2.75
C LEU A 348 -26.39 -18.18 1.27
N MET A 349 -25.17 -17.78 0.87
CA MET A 349 -24.76 -17.95 -0.52
C MET A 349 -23.37 -18.58 -0.50
N MET A 350 -22.99 -19.32 -1.52
CA MET A 350 -21.58 -19.65 -1.56
C MET A 350 -21.05 -19.50 -2.95
N HIS A 351 -19.76 -19.11 -3.06
CA HIS A 351 -19.04 -19.10 -4.34
C HIS A 351 -18.16 -20.36 -4.49
N TYR A 352 -17.97 -20.85 -5.71
CA TYR A 352 -17.03 -21.93 -5.97
C TYR A 352 -15.87 -21.29 -6.75
N GLY A 353 -14.63 -21.46 -6.27
CA GLY A 353 -13.42 -20.98 -6.96
C GLY A 353 -12.55 -22.18 -7.38
N SER A 354 -11.98 -22.13 -8.58
CA SER A 354 -11.28 -23.28 -9.12
C SER A 354 -9.80 -23.12 -8.71
N VAL A 355 -9.62 -22.35 -7.65
CA VAL A 355 -8.30 -22.12 -7.04
C VAL A 355 -8.35 -22.29 -5.51
N PRO A 356 -7.19 -22.57 -4.87
CA PRO A 356 -7.21 -22.47 -3.39
C PRO A 356 -7.37 -21.00 -2.92
N PHE A 357 -7.63 -20.77 -1.63
CA PHE A 357 -7.81 -19.39 -1.24
C PHE A 357 -7.23 -19.31 0.18
N ASP A 358 -5.91 -19.26 0.32
CA ASP A 358 -5.31 -19.49 1.62
C ASP A 358 -4.89 -18.18 2.31
N MET A 359 -5.36 -17.03 1.83
CA MET A 359 -4.92 -15.71 2.31
C MET A 359 -5.07 -15.61 3.84
N ASN A 360 -6.10 -16.26 4.37
CA ASN A 360 -6.30 -16.15 5.82
C ASN A 360 -6.05 -17.41 6.59
N THR A 361 -5.73 -18.52 5.91
CA THR A 361 -5.55 -19.82 6.60
C THR A 361 -4.07 -20.13 6.76
N LEU A 362 -3.23 -19.63 5.85
CA LEU A 362 -1.86 -20.07 5.94
C LEU A 362 -1.21 -19.56 7.25
N ARG A 363 -1.54 -18.34 7.68
CA ARG A 363 -0.89 -17.86 8.92
C ARG A 363 -1.27 -18.67 10.16
N HIS A 364 -2.33 -19.49 10.10
CA HIS A 364 -2.74 -20.27 11.29
C HIS A 364 -2.33 -21.71 11.08
N GLY A 365 -1.49 -22.00 10.09
CA GLY A 365 -0.89 -23.34 10.03
C GLY A 365 -1.70 -24.36 9.24
N TYR A 366 -2.75 -23.95 8.53
CA TYR A 366 -3.50 -24.91 7.68
C TYR A 366 -2.66 -25.27 6.45
N PRO A 367 -2.67 -26.54 6.05
CA PRO A 367 -1.87 -26.98 4.91
C PRO A 367 -2.42 -26.38 3.60
N THR A 368 -1.57 -26.15 2.61
CA THR A 368 -2.16 -25.57 1.38
C THR A 368 -1.76 -26.37 0.14
N THR A 369 -2.12 -25.91 -1.06
CA THR A 369 -1.83 -26.69 -2.24
C THR A 369 -1.76 -25.67 -3.38
N GLU A 370 -1.21 -26.09 -4.52
CA GLU A 370 -1.31 -25.32 -5.75
C GLU A 370 -2.36 -25.86 -6.71
N ASN A 371 -3.04 -26.93 -6.31
CA ASN A 371 -4.03 -27.60 -7.17
C ASN A 371 -5.25 -27.98 -6.31
N GLY A 372 -6.17 -27.05 -6.21
CA GLY A 372 -7.36 -27.30 -5.41
C GLY A 372 -8.52 -26.38 -5.73
N PHE A 373 -9.57 -26.44 -4.93
CA PHE A 373 -10.70 -25.54 -5.15
C PHE A 373 -11.26 -25.14 -3.78
N SER A 374 -12.09 -24.08 -3.80
CA SER A 374 -12.57 -23.46 -2.58
C SER A 374 -14.10 -23.28 -2.70
N LEU A 375 -14.78 -23.43 -1.57
CA LEU A 375 -16.17 -23.01 -1.49
C LEU A 375 -16.23 -21.94 -0.43
N THR A 376 -16.83 -20.79 -0.73
CA THR A 376 -16.81 -19.67 0.22
C THR A 376 -18.26 -19.28 0.63
N PRO A 377 -18.78 -19.86 1.74
CA PRO A 377 -20.08 -19.44 2.31
C PRO A 377 -20.10 -17.98 2.75
N ASN A 378 -21.19 -17.25 2.50
CA ASN A 378 -21.28 -15.91 2.98
C ASN A 378 -22.69 -15.68 3.53
N VAL A 379 -22.78 -14.75 4.48
CA VAL A 379 -24.10 -14.45 5.12
C VAL A 379 -24.72 -13.31 4.27
N THR A 380 -25.90 -13.54 3.69
CA THR A 380 -26.43 -12.59 2.72
C THR A 380 -27.09 -11.35 3.38
N HIS A 381 -27.71 -11.49 4.56
CA HIS A 381 -28.20 -10.30 5.31
C HIS A 381 -27.60 -10.40 6.72
N ALA A 382 -26.31 -10.12 6.81
CA ALA A 382 -25.67 -10.17 8.10
C ALA A 382 -26.35 -9.13 8.99
N ARG A 383 -26.48 -9.44 10.29
CA ARG A 383 -27.18 -8.57 11.21
C ARG A 383 -26.17 -7.72 11.96
N SER A 384 -24.88 -8.04 11.90
CA SER A 384 -23.89 -7.18 12.57
C SER A 384 -23.82 -5.81 11.90
N ARG A 385 -23.48 -4.80 12.69
CA ARG A 385 -23.42 -3.43 12.14
C ARG A 385 -22.15 -2.77 12.66
N GLY A 386 -21.41 -2.08 11.77
CA GLY A 386 -20.13 -1.50 12.18
C GLY A 386 -20.06 -0.02 11.86
N THR A 387 -18.83 0.54 11.78
CA THR A 387 -18.67 2.00 11.63
C THR A 387 -17.46 2.31 10.76
N VAL A 388 -17.48 3.51 10.19
CA VAL A 388 -16.30 4.06 9.52
C VAL A 388 -16.15 5.41 10.26
N ARG A 389 -15.00 5.61 10.86
CA ARG A 389 -14.70 6.83 11.63
C ARG A 389 -13.39 7.46 11.15
N LEU A 390 -13.24 8.76 11.42
CA LEU A 390 -11.95 9.42 11.10
C LEU A 390 -10.83 8.89 11.99
N ARG A 391 -9.63 8.67 11.45
CA ARG A 391 -8.46 8.36 12.31
C ARG A 391 -7.84 9.70 12.71
N SER A 392 -8.03 10.79 11.96
CA SER A 392 -7.50 12.13 12.31
C SER A 392 -8.12 13.14 11.37
N ARG A 393 -7.81 14.42 11.56
CA ARG A 393 -8.30 15.50 10.68
C ARG A 393 -7.50 15.56 9.36
N ASP A 394 -6.49 14.72 9.18
CA ASP A 394 -5.62 14.76 7.99
C ASP A 394 -6.22 13.82 6.96
N PHE A 395 -6.71 14.35 5.83
CA PHE A 395 -7.32 13.52 4.76
C PHE A 395 -6.47 12.39 4.22
N ARG A 396 -5.15 12.46 4.44
CA ARG A 396 -4.22 11.44 4.01
C ARG A 396 -4.22 10.17 4.86
N ASP A 397 -4.66 10.28 6.10
CA ASP A 397 -4.79 9.14 7.01
C ASP A 397 -6.03 8.25 6.70
N LYS A 398 -5.81 6.93 6.57
CA LYS A 398 -6.88 5.97 6.20
C LYS A 398 -7.87 5.99 7.37
N PRO A 399 -9.18 5.86 7.11
CA PRO A 399 -10.12 5.91 8.22
C PRO A 399 -10.08 4.63 9.05
N MET A 400 -10.76 4.65 10.21
CA MET A 400 -10.87 3.47 11.05
C MET A 400 -12.12 2.73 10.57
N VAL A 401 -11.94 1.52 10.05
CA VAL A 401 -13.06 0.75 9.49
C VAL A 401 -13.22 -0.43 10.45
N ASP A 402 -14.37 -0.48 11.10
CA ASP A 402 -14.65 -1.55 12.07
C ASP A 402 -16.00 -2.17 11.77
N PRO A 403 -15.99 -3.26 10.99
CA PRO A 403 -17.26 -3.93 10.65
C PRO A 403 -17.95 -4.65 11.81
N ARG A 404 -17.27 -4.80 12.95
CA ARG A 404 -17.79 -5.55 14.10
CA ARG A 404 -17.85 -5.53 14.10
C ARG A 404 -18.37 -6.90 13.63
N TYR A 405 -17.58 -7.61 12.80
CA TYR A 405 -18.08 -8.93 12.32
C TYR A 405 -18.57 -9.90 13.43
N PHE A 406 -19.66 -10.64 13.18
CA PHE A 406 -20.13 -11.69 14.09
C PHE A 406 -20.39 -11.15 15.50
N THR A 407 -20.94 -9.93 15.59
CA THR A 407 -21.30 -9.40 16.91
C THR A 407 -22.80 -9.26 17.08
N ASP A 408 -23.64 -9.61 16.09
CA ASP A 408 -25.07 -9.38 16.30
C ASP A 408 -25.57 -10.20 17.51
N PRO A 409 -26.49 -9.62 18.30
CA PRO A 409 -26.81 -10.21 19.59
C PRO A 409 -27.52 -11.57 19.47
N GLU A 410 -28.24 -11.90 18.40
CA GLU A 410 -28.86 -13.22 18.32
C GLU A 410 -27.85 -14.28 17.84
N GLY A 411 -26.64 -13.87 17.43
CA GLY A 411 -25.66 -14.82 16.93
C GLY A 411 -26.05 -15.34 15.54
N HIS A 412 -26.89 -14.63 14.80
CA HIS A 412 -27.32 -15.04 13.46
C HIS A 412 -26.13 -15.25 12.49
N ASP A 413 -25.19 -14.32 12.46
CA ASP A 413 -24.21 -14.31 11.35
C ASP A 413 -23.29 -15.52 11.57
N MET A 414 -22.96 -15.84 12.81
CA MET A 414 -22.07 -16.97 13.07
C MET A 414 -22.86 -18.27 12.84
N ARG A 415 -24.13 -18.27 13.20
CA ARG A 415 -24.96 -19.48 12.97
C ARG A 415 -25.06 -19.82 11.45
N VAL A 416 -25.37 -18.82 10.63
CA VAL A 416 -25.48 -19.02 9.15
C VAL A 416 -24.10 -19.46 8.60
N MET A 417 -23.03 -18.84 9.10
CA MET A 417 -21.71 -19.22 8.61
C MET A 417 -21.33 -20.65 8.99
N VAL A 418 -21.61 -21.10 10.23
CA VAL A 418 -21.34 -22.51 10.61
C VAL A 418 -22.19 -23.42 9.73
N ALA A 419 -23.44 -23.05 9.49
CA ALA A 419 -24.29 -23.88 8.59
C ALA A 419 -23.72 -23.92 7.16
N GLY A 420 -23.22 -22.78 6.71
CA GLY A 420 -22.52 -22.68 5.41
C GLY A 420 -21.31 -23.58 5.25
N ILE A 421 -20.44 -23.70 6.27
CA ILE A 421 -19.34 -24.65 6.20
C ILE A 421 -19.89 -26.08 6.15
N ARG A 422 -20.83 -26.44 7.02
CA ARG A 422 -21.41 -27.77 6.87
C ARG A 422 -22.01 -28.08 5.50
N LYS A 423 -22.72 -27.11 4.92
CA LYS A 423 -23.38 -27.26 3.61
C LYS A 423 -22.35 -27.43 2.49
N ALA A 424 -21.31 -26.60 2.55
CA ALA A 424 -20.19 -26.76 1.60
C ALA A 424 -19.56 -28.16 1.67
N ARG A 425 -19.24 -28.68 2.88
CA ARG A 425 -18.81 -30.08 3.03
C ARG A 425 -19.79 -31.07 2.42
N GLU A 426 -21.08 -30.94 2.73
CA GLU A 426 -22.09 -31.90 2.23
C GLU A 426 -22.14 -31.89 0.68
N ILE A 427 -22.13 -30.71 0.05
CA ILE A 427 -22.00 -30.62 -1.43
C ILE A 427 -20.73 -31.32 -2.00
N ALA A 428 -19.56 -30.95 -1.45
CA ALA A 428 -18.30 -31.53 -1.91
C ALA A 428 -18.22 -33.06 -1.71
N ALA A 429 -18.99 -33.61 -0.76
CA ALA A 429 -18.99 -35.05 -0.52
C ALA A 429 -19.97 -35.80 -1.45
N GLN A 430 -20.74 -35.14 -2.30
CA GLN A 430 -21.72 -35.93 -3.11
C GLN A 430 -21.03 -36.85 -4.13
N PRO A 431 -21.71 -37.92 -4.59
CA PRO A 431 -21.04 -38.84 -5.50
C PRO A 431 -20.63 -38.10 -6.78
N ALA A 432 -21.33 -37.06 -7.25
CA ALA A 432 -20.86 -36.45 -8.52
C ALA A 432 -19.52 -35.72 -8.39
N MET A 433 -19.11 -35.43 -7.16
CA MET A 433 -17.79 -34.78 -7.00
C MET A 433 -16.71 -35.80 -6.59
N ALA A 434 -17.07 -37.09 -6.58
CA ALA A 434 -16.10 -38.09 -6.06
C ALA A 434 -14.78 -38.12 -6.84
N GLU A 435 -14.74 -37.84 -8.14
CA GLU A 435 -13.45 -37.86 -8.84
C GLU A 435 -12.67 -36.54 -8.69
N TRP A 436 -13.25 -35.54 -8.01
CA TRP A 436 -12.58 -34.25 -7.79
C TRP A 436 -12.19 -33.95 -6.34
N THR A 437 -13.07 -34.22 -5.38
CA THR A 437 -12.80 -33.81 -4.00
C THR A 437 -11.75 -34.68 -3.31
N GLY A 438 -10.59 -34.10 -3.05
CA GLY A 438 -9.53 -34.77 -2.30
C GLY A 438 -9.65 -34.34 -0.85
N ARG A 439 -8.51 -34.28 -0.17
CA ARG A 439 -8.51 -34.00 1.26
C ARG A 439 -8.97 -32.52 1.56
N GLU A 440 -9.76 -32.37 2.61
CA GLU A 440 -10.19 -31.07 3.07
C GLU A 440 -9.04 -30.37 3.78
N LEU A 441 -8.57 -29.26 3.22
CA LEU A 441 -7.34 -28.70 3.81
C LEU A 441 -7.66 -27.69 4.91
N SER A 442 -8.77 -26.97 4.79
CA SER A 442 -9.25 -26.09 5.88
C SER A 442 -10.79 -26.11 5.86
N PRO A 443 -11.45 -26.17 7.02
CA PRO A 443 -10.78 -26.26 8.32
C PRO A 443 -10.14 -27.63 8.58
N GLY A 444 -10.46 -28.66 7.78
CA GLY A 444 -9.94 -30.00 8.08
C GLY A 444 -11.03 -30.80 8.77
N VAL A 445 -11.08 -32.10 8.47
CA VAL A 445 -12.18 -32.91 9.09
C VAL A 445 -12.16 -33.13 10.62
N GLU A 446 -11.05 -32.85 11.28
CA GLU A 446 -10.99 -32.79 12.74
C GLU A 446 -11.92 -31.71 13.32
N ALA A 447 -12.18 -30.62 12.62
CA ALA A 447 -13.10 -29.59 13.10
C ALA A 447 -14.52 -30.02 12.80
N GLN A 448 -15.25 -30.39 13.85
CA GLN A 448 -16.61 -30.88 13.67
C GLN A 448 -17.67 -30.17 14.53
N THR A 449 -17.32 -29.81 15.77
CA THR A 449 -18.35 -29.27 16.65
C THR A 449 -18.66 -27.81 16.27
N ASP A 450 -19.78 -27.29 16.74
CA ASP A 450 -20.08 -25.87 16.45
C ASP A 450 -18.93 -25.00 17.01
N GLU A 451 -18.48 -25.33 18.22
CA GLU A 451 -17.41 -24.55 18.79
C GLU A 451 -16.10 -24.58 17.94
N GLU A 452 -15.71 -25.74 17.43
CA GLU A 452 -14.50 -25.84 16.59
C GLU A 452 -14.69 -25.02 15.31
N LEU A 453 -15.90 -25.06 14.76
CA LEU A 453 -16.16 -24.36 13.50
C LEU A 453 -16.25 -22.84 13.74
N GLN A 454 -16.83 -22.40 14.86
CA GLN A 454 -16.86 -20.99 15.21
C GLN A 454 -15.42 -20.47 15.44
N ASP A 455 -14.58 -21.22 16.17
CA ASP A 455 -13.18 -20.75 16.36
C ASP A 455 -12.49 -20.57 14.99
N TYR A 456 -12.68 -21.55 14.10
CA TYR A 456 -12.09 -21.48 12.74
C TYR A 456 -12.54 -20.23 12.01
N ILE A 457 -13.85 -19.99 12.03
CA ILE A 457 -14.45 -18.82 11.37
C ILE A 457 -13.93 -17.49 11.90
N ARG A 458 -13.83 -17.41 13.23
CA ARG A 458 -13.35 -16.14 13.88
C ARG A 458 -11.91 -15.81 13.43
N LYS A 459 -11.06 -16.83 13.24
CA LYS A 459 -9.64 -16.66 12.94
C LYS A 459 -9.42 -16.47 11.44
N THR A 460 -10.26 -17.08 10.61
CA THR A 460 -9.95 -17.15 9.17
C THR A 460 -10.93 -16.52 8.19
N HIS A 461 -11.98 -15.89 8.71
CA HIS A 461 -12.93 -15.37 7.74
C HIS A 461 -12.37 -14.21 6.92
N ASN A 462 -12.98 -14.03 5.75
CA ASN A 462 -12.65 -12.86 5.00
C ASN A 462 -13.98 -12.07 4.77
N THR A 463 -14.07 -11.40 3.63
CA THR A 463 -15.22 -10.57 3.21
C THR A 463 -15.42 -10.93 1.73
N VAL A 464 -16.65 -10.87 1.21
CA VAL A 464 -16.89 -10.94 -0.24
C VAL A 464 -16.53 -9.59 -0.93
N TYR A 465 -16.14 -8.59 -0.14
CA TYR A 465 -15.67 -7.25 -0.55
C TYR A 465 -16.89 -6.34 -0.82
N HIS A 466 -17.92 -6.41 0.04
CA HIS A 466 -19.19 -5.67 -0.24
C HIS A 466 -19.62 -4.71 0.87
N PRO A 467 -18.74 -3.82 1.38
CA PRO A 467 -19.15 -2.83 2.35
C PRO A 467 -20.22 -1.84 1.76
N VAL A 468 -21.34 -1.63 2.46
CA VAL A 468 -22.39 -0.71 2.07
C VAL A 468 -22.93 0.01 3.30
N GLY A 469 -23.74 1.04 3.09
CA GLY A 469 -24.73 1.47 4.07
C GLY A 469 -24.28 2.55 5.07
N THR A 470 -23.10 3.15 4.88
CA THR A 470 -22.50 4.08 5.81
C THR A 470 -23.02 5.51 5.65
N VAL A 471 -23.79 5.78 4.58
CA VAL A 471 -24.41 7.15 4.46
C VAL A 471 -25.82 6.88 3.96
N ARG A 472 -26.67 6.29 4.80
CA ARG A 472 -27.87 5.71 4.17
C ARG A 472 -28.96 6.76 3.80
N MET A 473 -29.77 6.39 2.80
CA MET A 473 -31.02 7.09 2.54
C MET A 473 -32.07 6.59 3.53
N GLY A 474 -33.08 7.41 3.80
CA GLY A 474 -34.17 7.00 4.67
C GLY A 474 -35.22 8.12 4.66
N ALA A 475 -36.12 8.04 5.63
CA ALA A 475 -37.20 9.02 5.71
C ALA A 475 -36.67 10.46 5.95
N VAL A 476 -37.38 11.45 5.40
CA VAL A 476 -37.03 12.85 5.59
C VAL A 476 -36.87 13.12 7.08
N GLU A 477 -37.70 12.53 7.94
CA GLU A 477 -37.57 12.89 9.37
C GLU A 477 -36.70 11.95 10.20
N ASP A 478 -36.14 10.92 9.58
CA ASP A 478 -35.29 9.99 10.34
C ASP A 478 -33.90 10.58 10.54
N GLU A 479 -33.55 11.02 11.76
CA GLU A 479 -32.24 11.67 12.00
C GLU A 479 -30.98 10.84 11.84
N MET A 480 -31.14 9.52 11.94
CA MET A 480 -30.08 8.55 11.68
C MET A 480 -29.82 8.26 10.22
N SER A 481 -30.67 8.76 9.32
CA SER A 481 -30.38 8.64 7.88
C SER A 481 -29.87 9.98 7.35
N PRO A 482 -28.61 10.00 6.90
CA PRO A 482 -28.04 11.27 6.48
C PRO A 482 -28.65 11.78 5.16
N LEU A 483 -29.20 10.91 4.36
CA LEU A 483 -29.75 11.34 3.06
C LEU A 483 -31.27 11.24 3.05
N ASP A 484 -31.95 12.13 2.34
CA ASP A 484 -33.39 11.92 2.15
C ASP A 484 -33.61 10.94 0.96
N PRO A 485 -34.87 10.64 0.59
CA PRO A 485 -35.07 9.63 -0.43
C PRO A 485 -34.66 10.12 -1.82
N GLU A 486 -34.35 11.40 -1.98
CA GLU A 486 -33.82 11.85 -3.28
C GLU A 486 -32.28 11.91 -3.27
N LEU A 487 -31.62 11.19 -2.34
CA LEU A 487 -30.18 11.10 -2.20
C LEU A 487 -29.55 12.46 -1.83
N ARG A 488 -30.33 13.46 -1.40
CA ARG A 488 -29.73 14.72 -0.99
C ARG A 488 -29.21 14.65 0.44
N VAL A 489 -27.99 15.16 0.69
CA VAL A 489 -27.43 15.25 2.03
C VAL A 489 -28.24 16.27 2.83
N LYS A 490 -28.89 15.80 3.91
CA LYS A 490 -29.72 16.68 4.74
C LYS A 490 -28.87 17.73 5.47
N GLY A 491 -29.45 18.93 5.61
CA GLY A 491 -28.81 20.08 6.28
C GLY A 491 -27.95 21.00 5.40
N VAL A 492 -27.67 20.61 4.16
CA VAL A 492 -26.98 21.44 3.16
C VAL A 492 -27.79 21.39 1.85
N THR A 493 -27.45 22.18 0.82
CA THR A 493 -28.12 21.99 -0.48
C THR A 493 -27.05 21.80 -1.53
N GLY A 494 -27.44 21.32 -2.71
CA GLY A 494 -26.52 21.21 -3.87
C GLY A 494 -25.58 20.00 -3.78
N LEU A 495 -25.84 19.05 -2.87
CA LEU A 495 -24.93 17.95 -2.58
C LEU A 495 -25.76 16.63 -2.53
N ARG A 496 -25.46 15.66 -3.40
CA ARG A 496 -26.07 14.33 -3.27
C ARG A 496 -24.98 13.28 -3.12
N VAL A 497 -25.36 12.08 -2.66
CA VAL A 497 -24.41 10.95 -2.60
C VAL A 497 -25.06 9.82 -3.42
N ALA A 498 -24.26 9.17 -4.22
CA ALA A 498 -24.74 8.05 -5.03
C ALA A 498 -23.57 7.06 -5.11
N ASP A 499 -23.66 6.01 -4.30
CA ASP A 499 -22.68 4.92 -4.30
C ASP A 499 -23.20 3.88 -3.31
N ALA A 500 -22.42 2.86 -2.98
CA ALA A 500 -22.91 1.80 -2.12
C ALA A 500 -23.16 2.33 -0.69
N SER A 501 -22.72 3.57 -0.33
CA SER A 501 -22.98 4.14 1.01
C SER A 501 -24.48 4.29 1.29
N VAL A 502 -25.31 4.38 0.25
CA VAL A 502 -26.71 4.81 0.46
C VAL A 502 -27.64 3.69 0.86
N MET A 503 -27.25 2.43 0.75
CA MET A 503 -28.23 1.34 1.00
C MET A 503 -28.70 1.29 2.46
N PRO A 504 -30.02 1.22 2.72
CA PRO A 504 -30.52 1.16 4.08
C PRO A 504 -30.36 -0.29 4.57
N GLU A 505 -30.31 -1.24 3.64
CA GLU A 505 -30.07 -2.62 4.06
C GLU A 505 -29.32 -3.25 2.91
N HIS A 506 -28.40 -4.15 3.26
CA HIS A 506 -27.65 -4.86 2.22
C HIS A 506 -28.59 -5.63 1.27
N VAL A 507 -28.16 -5.86 0.02
CA VAL A 507 -28.95 -6.74 -0.86
C VAL A 507 -28.40 -8.17 -0.70
N THR A 508 -29.13 -9.13 -1.25
CA THR A 508 -28.88 -10.56 -1.06
C THR A 508 -27.65 -10.98 -1.82
N VAL A 509 -27.40 -10.28 -2.94
CA VAL A 509 -26.48 -10.74 -3.96
C VAL A 509 -25.27 -9.82 -4.04
N ASN A 510 -24.32 -10.20 -4.92
CA ASN A 510 -23.18 -9.31 -5.20
C ASN A 510 -23.70 -7.96 -5.73
N PRO A 511 -23.28 -6.83 -5.12
CA PRO A 511 -24.05 -5.55 -5.27
C PRO A 511 -23.66 -4.61 -6.46
N ASN A 512 -22.62 -4.96 -7.22
CA ASN A 512 -22.06 -4.04 -8.22
C ASN A 512 -23.14 -3.56 -9.19
N ILE A 513 -23.94 -4.47 -9.75
CA ILE A 513 -24.88 -4.01 -10.77
C ILE A 513 -25.95 -3.08 -10.11
N THR A 514 -26.32 -3.38 -8.88
CA THR A 514 -27.24 -2.51 -8.12
C THR A 514 -26.63 -1.13 -7.84
N VAL A 515 -25.32 -1.11 -7.58
CA VAL A 515 -24.68 0.21 -7.39
C VAL A 515 -24.69 1.06 -8.67
N MET A 516 -24.42 0.44 -9.82
CA MET A 516 -24.57 1.14 -11.08
C MET A 516 -26.02 1.62 -11.24
N MET A 517 -27.02 0.79 -10.89
CA MET A 517 -28.43 1.21 -10.95
C MET A 517 -28.67 2.42 -10.02
N ILE A 518 -28.06 2.44 -8.83
CA ILE A 518 -28.13 3.67 -7.96
C ILE A 518 -27.61 4.92 -8.69
N GLY A 519 -26.47 4.82 -9.39
CA GLY A 519 -25.96 5.95 -10.21
C GLY A 519 -26.95 6.32 -11.32
N GLU A 520 -27.54 5.34 -11.99
CA GLU A 520 -28.52 5.66 -13.04
C GLU A 520 -29.69 6.42 -12.40
N ARG A 521 -30.15 5.98 -11.23
CA ARG A 521 -31.32 6.60 -10.63
C ARG A 521 -30.96 8.05 -10.21
N CYS A 522 -29.75 8.24 -9.70
CA CYS A 522 -29.34 9.57 -9.20
C CYS A 522 -29.34 10.53 -10.39
N ALA A 523 -28.79 10.08 -11.52
CA ALA A 523 -28.85 10.94 -12.69
C ALA A 523 -30.30 11.29 -13.05
N ASP A 524 -31.24 10.34 -13.00
CA ASP A 524 -32.62 10.70 -13.34
C ASP A 524 -33.22 11.72 -12.36
N LEU A 525 -32.94 11.55 -11.06
CA LEU A 525 -33.38 12.49 -9.99
C LEU A 525 -32.85 13.93 -10.22
N ILE A 526 -31.58 14.04 -10.58
CA ILE A 526 -30.93 15.32 -10.88
C ILE A 526 -31.57 15.92 -12.15
N ARG A 527 -31.63 15.11 -13.22
CA ARG A 527 -32.17 15.67 -14.47
C ARG A 527 -33.61 16.17 -14.22
N SER A 528 -34.46 15.44 -13.49
CA SER A 528 -35.78 15.94 -13.07
C SER A 528 -35.75 17.26 -12.28
N ALA A 529 -34.84 17.38 -11.32
CA ALA A 529 -34.65 18.61 -10.53
C ALA A 529 -34.18 19.76 -11.45
N ARG A 530 -33.25 19.51 -12.36
CA ARG A 530 -32.79 20.54 -13.30
C ARG A 530 -33.98 21.12 -14.09
N ALA A 531 -34.89 20.25 -14.53
CA ALA A 531 -36.06 20.73 -15.30
C ALA A 531 -36.90 21.83 -14.56
N GLY A 532 -36.83 21.95 -13.24
CA GLY A 532 -37.60 22.93 -12.45
C GLY A 532 -36.91 24.26 -12.11
N MET B 1 20.45 -11.87 -19.35
CA MET B 1 19.07 -11.63 -19.82
C MET B 1 18.14 -11.20 -18.69
N HIS B 2 17.12 -10.41 -19.02
CA HIS B 2 16.09 -10.07 -18.04
C HIS B 2 14.96 -11.08 -18.16
N ILE B 3 14.55 -11.77 -17.09
CA ILE B 3 13.43 -12.71 -17.15
C ILE B 3 12.34 -12.09 -16.24
N ASP B 4 11.20 -11.70 -16.82
CA ASP B 4 10.11 -11.25 -15.94
C ASP B 4 8.99 -12.28 -15.85
N ASN B 5 9.20 -13.46 -16.42
CA ASN B 5 8.21 -14.53 -16.32
C ASN B 5 8.99 -15.82 -16.09
N ILE B 6 8.91 -16.37 -14.88
CA ILE B 6 9.69 -17.55 -14.44
C ILE B 6 9.44 -18.78 -15.34
N GLU B 7 8.27 -18.87 -15.97
CA GLU B 7 8.00 -19.91 -16.99
C GLU B 7 9.05 -19.86 -18.09
N ASN B 8 9.60 -18.68 -18.41
CA ASN B 8 10.57 -18.58 -19.50
C ASN B 8 11.97 -18.99 -19.05
N LEU B 9 12.17 -19.26 -17.77
CA LEU B 9 13.49 -19.69 -17.32
C LEU B 9 13.60 -21.21 -17.23
N SER B 10 14.37 -21.75 -18.16
CA SER B 10 14.59 -23.17 -18.28
C SER B 10 15.54 -23.75 -17.21
N ASP B 11 16.75 -23.18 -17.11
CA ASP B 11 17.77 -23.65 -16.18
C ASP B 11 17.71 -22.76 -14.93
N ARG B 12 17.40 -23.36 -13.79
CA ARG B 12 17.19 -22.66 -12.53
C ARG B 12 18.35 -22.88 -11.56
N GLU B 13 19.49 -23.29 -12.09
CA GLU B 13 20.70 -23.46 -11.27
C GLU B 13 21.78 -22.43 -11.64
N PHE B 14 22.42 -21.79 -10.64
CA PHE B 14 23.42 -20.73 -10.85
C PHE B 14 24.60 -20.98 -9.90
N ASP B 15 25.78 -20.41 -10.16
CA ASP B 15 26.81 -20.40 -9.10
C ASP B 15 26.41 -19.57 -7.89
N TYR B 16 25.98 -18.33 -8.14
CA TYR B 16 25.56 -17.42 -7.10
C TYR B 16 24.12 -16.96 -7.33
N ILE B 17 23.36 -16.83 -6.25
CA ILE B 17 22.07 -16.15 -6.29
C ILE B 17 22.14 -14.97 -5.30
N VAL B 18 21.85 -13.75 -5.74
CA VAL B 18 21.74 -12.58 -4.89
C VAL B 18 20.26 -12.23 -4.80
N VAL B 19 19.74 -12.20 -3.57
CA VAL B 19 18.29 -11.95 -3.34
C VAL B 19 18.16 -10.48 -2.88
N GLY B 20 17.47 -9.68 -3.71
CA GLY B 20 17.14 -8.27 -3.42
C GLY B 20 18.04 -7.39 -4.29
N GLY B 21 17.45 -6.67 -5.23
CA GLY B 21 18.26 -5.89 -6.20
C GLY B 21 18.39 -4.43 -5.76
N GLY B 22 18.72 -4.24 -4.48
CA GLY B 22 18.84 -2.91 -3.89
C GLY B 22 20.23 -2.29 -3.92
N SER B 23 20.49 -1.33 -3.01
CA SER B 23 21.77 -0.63 -2.97
C SER B 23 22.96 -1.59 -2.91
N ALA B 24 22.91 -2.54 -1.96
CA ALA B 24 24.05 -3.46 -1.85
C ALA B 24 23.88 -4.62 -2.84
N GLY B 25 22.68 -5.18 -2.99
CA GLY B 25 22.52 -6.41 -3.80
C GLY B 25 22.91 -6.20 -5.25
N ALA B 26 22.50 -5.08 -5.82
CA ALA B 26 22.87 -4.80 -7.25
C ALA B 26 24.38 -4.69 -7.39
N ALA B 27 25.05 -4.04 -6.42
CA ALA B 27 26.51 -3.99 -6.49
C ALA B 27 27.17 -5.39 -6.35
N VAL B 28 26.70 -6.21 -5.42
CA VAL B 28 27.32 -7.52 -5.25
C VAL B 28 27.10 -8.31 -6.52
N ALA B 29 25.85 -8.38 -7.02
CA ALA B 29 25.59 -9.19 -8.23
C ALA B 29 26.43 -8.72 -9.43
N ALA B 30 26.53 -7.41 -9.65
CA ALA B 30 27.28 -6.89 -10.80
C ALA B 30 28.76 -7.28 -10.61
N ARG B 31 29.29 -7.08 -9.41
CA ARG B 31 30.72 -7.39 -9.20
C ARG B 31 31.01 -8.89 -9.33
N LEU B 32 30.18 -9.74 -8.75
CA LEU B 32 30.40 -11.20 -8.92
C LEU B 32 30.41 -11.58 -10.39
N SER B 33 29.60 -10.92 -11.23
CA SER B 33 29.47 -11.39 -12.60
C SER B 33 30.67 -10.95 -13.46
N GLU B 34 31.61 -10.19 -12.90
CA GLU B 34 32.81 -9.77 -13.68
C GLU B 34 33.72 -10.95 -13.99
N ASP B 35 33.59 -12.04 -13.22
CA ASP B 35 34.29 -13.28 -13.59
C ASP B 35 33.42 -14.05 -14.59
N PRO B 36 33.79 -14.07 -15.89
CA PRO B 36 32.91 -14.79 -16.82
C PRO B 36 32.75 -16.31 -16.60
N ALA B 37 33.60 -16.93 -15.77
CA ALA B 37 33.49 -18.38 -15.52
C ALA B 37 32.40 -18.69 -14.49
N VAL B 38 31.75 -17.70 -13.87
CA VAL B 38 30.62 -18.01 -12.96
C VAL B 38 29.30 -17.42 -13.46
N SER B 39 28.17 -18.07 -13.15
CA SER B 39 26.85 -17.49 -13.44
C SER B 39 26.22 -16.86 -12.17
N VAL B 40 25.55 -15.73 -12.35
CA VAL B 40 24.95 -15.03 -11.24
C VAL B 40 23.51 -14.78 -11.62
N ALA B 41 22.58 -15.05 -10.71
CA ALA B 41 21.20 -14.59 -10.84
C ALA B 41 20.96 -13.51 -9.75
N LEU B 42 20.26 -12.42 -10.10
CA LEU B 42 19.83 -11.38 -9.15
C LEU B 42 18.29 -11.47 -9.16
N VAL B 43 17.68 -11.72 -8.00
CA VAL B 43 16.21 -11.87 -7.89
C VAL B 43 15.61 -10.67 -7.13
N GLU B 44 14.58 -10.02 -7.65
CA GLU B 44 14.05 -8.81 -7.03
C GLU B 44 12.55 -8.93 -7.06
N ALA B 45 11.87 -8.66 -5.95
CA ALA B 45 10.39 -8.80 -5.89
C ALA B 45 9.70 -7.73 -6.72
N GLY B 46 10.34 -6.55 -6.81
CA GLY B 46 9.69 -5.46 -7.53
C GLY B 46 9.97 -5.54 -9.03
N PRO B 47 9.44 -4.60 -9.82
CA PRO B 47 9.69 -4.60 -11.27
C PRO B 47 11.00 -3.96 -11.73
N ASP B 48 11.31 -4.12 -13.03
CA ASP B 48 12.50 -3.51 -13.62
C ASP B 48 12.25 -2.00 -13.53
N ASP B 49 13.31 -1.22 -13.27
CA ASP B 49 13.18 0.24 -13.31
C ASP B 49 13.40 0.87 -14.69
N ARG B 50 14.00 0.12 -15.63
CA ARG B 50 14.28 0.64 -16.98
C ARG B 50 13.00 1.24 -17.60
N GLY B 51 13.10 2.46 -18.11
CA GLY B 51 11.95 3.17 -18.70
C GLY B 51 10.79 3.49 -17.77
N VAL B 52 11.00 3.53 -16.46
CA VAL B 52 9.98 4.03 -15.53
C VAL B 52 10.36 5.48 -15.11
N PRO B 53 9.77 6.52 -15.75
CA PRO B 53 10.30 7.87 -15.49
C PRO B 53 10.06 8.32 -14.04
N GLU B 54 9.02 7.89 -13.31
CA GLU B 54 8.91 8.41 -11.94
C GLU B 54 9.93 7.81 -10.96
N VAL B 55 10.50 6.66 -11.30
CA VAL B 55 11.68 6.17 -10.60
C VAL B 55 12.98 6.83 -11.10
N LEU B 56 13.19 6.85 -12.42
CA LEU B 56 14.53 7.25 -12.90
C LEU B 56 14.79 8.75 -12.70
N GLN B 57 13.75 9.58 -12.74
CA GLN B 57 13.93 11.05 -12.76
C GLN B 57 14.01 11.47 -11.29
N LEU B 58 15.20 11.85 -10.81
CA LEU B 58 15.36 12.06 -9.35
C LEU B 58 14.37 13.08 -8.77
N ASP B 59 14.16 14.18 -9.49
CA ASP B 59 13.33 15.24 -8.92
C ASP B 59 11.86 14.89 -8.71
N ARG B 60 11.42 13.71 -9.21
CA ARG B 60 10.09 13.14 -8.91
C ARG B 60 10.04 12.22 -7.70
N TRP B 61 11.15 12.06 -6.96
CA TRP B 61 11.20 11.02 -5.92
C TRP B 61 10.09 11.06 -4.88
N MET B 62 9.64 12.25 -4.47
CA MET B 62 8.62 12.31 -3.40
C MET B 62 7.29 11.64 -3.81
N GLU B 63 6.99 11.51 -5.10
CA GLU B 63 5.74 10.87 -5.53
C GLU B 63 5.86 9.36 -5.31
N LEU B 64 7.05 8.83 -5.00
CA LEU B 64 7.15 7.39 -4.85
C LEU B 64 6.58 6.83 -3.54
N LEU B 65 6.59 7.62 -2.47
CA LEU B 65 6.26 7.12 -1.14
C LEU B 65 4.77 6.76 -1.14
N GLU B 66 4.45 5.66 -0.50
CA GLU B 66 3.09 5.09 -0.52
C GLU B 66 2.46 4.77 -1.88
N SER B 67 3.23 4.74 -2.96
CA SER B 67 2.72 4.31 -4.28
C SER B 67 2.88 2.78 -4.38
N GLY B 68 2.68 2.26 -5.59
CA GLY B 68 2.84 0.84 -5.87
C GLY B 68 4.30 0.44 -5.78
N TYR B 69 5.20 1.43 -5.79
CA TYR B 69 6.62 1.18 -5.63
C TYR B 69 7.13 1.15 -4.19
N ASP B 70 6.25 1.15 -3.19
CA ASP B 70 6.67 1.25 -1.77
C ASP B 70 6.09 0.05 -1.06
N TRP B 71 6.92 -0.69 -0.34
CA TRP B 71 6.36 -1.81 0.49
C TRP B 71 5.46 -1.26 1.61
N ASP B 72 5.79 -0.04 2.06
CA ASP B 72 5.00 0.70 3.03
C ASP B 72 4.83 0.02 4.41
N TYR B 73 5.88 0.06 5.24
CA TYR B 73 5.84 -0.69 6.53
C TYR B 73 5.39 0.23 7.69
N PRO B 74 4.16 0.12 8.19
CA PRO B 74 3.87 0.96 9.40
C PRO B 74 4.63 0.38 10.64
N ILE B 75 4.85 1.19 11.69
CA ILE B 75 5.58 0.72 12.86
C ILE B 75 4.61 0.32 13.96
N GLU B 76 5.13 -0.37 14.96
CA GLU B 76 4.30 -0.80 16.09
C GLU B 76 4.00 0.45 16.92
N PRO B 77 2.93 0.43 17.74
CA PRO B 77 2.63 1.59 18.63
C PRO B 77 3.85 1.99 19.47
N GLN B 78 4.16 3.28 19.54
CA GLN B 78 5.49 3.67 20.09
C GLN B 78 5.33 4.08 21.54
N GLU B 79 6.16 3.55 22.45
CA GLU B 79 6.07 4.02 23.87
C GLU B 79 6.37 5.50 24.02
N ASN B 80 7.29 6.05 23.23
CA ASN B 80 7.74 7.44 23.43
C ASN B 80 7.94 8.15 22.09
N GLY B 81 7.07 7.84 21.12
CA GLY B 81 7.30 8.39 19.78
C GLY B 81 6.02 8.38 18.97
N ASN B 82 6.15 8.45 17.64
CA ASN B 82 4.98 8.80 16.81
C ASN B 82 4.39 7.52 16.15
N SER B 83 3.28 7.00 16.67
CA SER B 83 2.75 5.74 16.18
C SER B 83 2.25 5.84 14.73
N PHE B 84 2.18 7.05 14.15
CA PHE B 84 1.65 7.18 12.77
C PHE B 84 2.77 7.06 11.77
N MET B 85 4.03 7.02 12.21
CA MET B 85 5.19 7.08 11.29
C MET B 85 5.26 5.82 10.42
N ARG B 86 5.63 5.93 9.12
CA ARG B 86 5.70 4.76 8.21
C ARG B 86 7.17 4.60 7.74
N HIS B 87 7.67 3.36 7.76
CA HIS B 87 8.96 3.13 7.13
C HIS B 87 8.76 2.83 5.62
N ALA B 88 8.83 3.85 4.77
CA ALA B 88 8.77 3.64 3.32
C ALA B 88 9.97 2.77 2.91
N ARG B 89 9.76 1.83 2.01
CA ARG B 89 10.87 0.99 1.54
C ARG B 89 10.56 0.76 0.08
N ALA B 90 11.56 0.88 -0.76
CA ALA B 90 11.24 0.77 -2.20
C ALA B 90 11.07 -0.69 -2.63
N LYS B 91 10.17 -0.91 -3.60
CA LYS B 91 9.92 -2.29 -4.11
C LYS B 91 10.09 -2.16 -5.64
N VAL B 92 11.35 -2.28 -6.10
CA VAL B 92 11.67 -1.90 -7.52
C VAL B 92 13.16 -2.14 -7.63
N MET B 93 13.65 -2.54 -8.82
CA MET B 93 15.10 -2.61 -9.10
C MET B 93 15.79 -1.33 -8.60
N GLY B 94 16.95 -1.54 -7.96
CA GLY B 94 17.68 -0.46 -7.28
C GLY B 94 17.28 -0.32 -5.80
N GLY B 95 16.17 -0.94 -5.35
CA GLY B 95 15.75 -0.82 -3.96
C GLY B 95 15.60 0.63 -3.55
N CYS B 96 15.98 0.93 -2.31
CA CYS B 96 15.79 2.28 -1.81
C CYS B 96 16.75 3.24 -2.54
N SER B 97 17.78 2.76 -3.21
CA SER B 97 18.55 3.75 -4.02
C SER B 97 17.72 4.20 -5.24
N SER B 98 16.59 3.55 -5.53
CA SER B 98 15.69 4.06 -6.59
C SER B 98 14.56 4.93 -6.04
N HIS B 99 14.42 5.09 -4.71
CA HIS B 99 13.34 5.95 -4.20
C HIS B 99 13.86 7.14 -3.39
N ASN B 100 15.17 7.19 -3.20
CA ASN B 100 15.66 8.14 -2.21
C ASN B 100 15.99 9.51 -2.84
N SER B 101 16.53 10.46 -2.05
CA SER B 101 16.82 11.78 -2.59
C SER B 101 18.30 11.87 -3.02
N CYS B 102 18.97 10.72 -3.15
CA CYS B 102 20.31 10.77 -3.73
C CYS B 102 21.30 11.63 -2.93
N ILE B 103 21.09 11.84 -1.63
CA ILE B 103 22.12 12.56 -0.89
C ILE B 103 23.29 11.55 -0.73
N ALA B 104 24.51 11.95 -1.12
CA ALA B 104 25.62 10.98 -1.23
C ALA B 104 26.77 11.33 -0.27
N PHE B 105 27.10 10.44 0.69
CA PHE B 105 28.20 10.77 1.60
C PHE B 105 29.12 9.54 1.75
N TRP B 106 30.43 9.76 1.90
CA TRP B 106 31.36 8.76 2.40
C TRP B 106 31.14 8.80 3.91
N ALA B 107 31.15 7.67 4.61
CA ALA B 107 31.02 7.72 6.07
C ALA B 107 32.27 8.32 6.67
N PRO B 108 32.18 8.92 7.86
CA PRO B 108 33.35 9.31 8.60
C PRO B 108 34.37 8.16 8.79
N ARG B 109 35.68 8.41 8.64
CA ARG B 109 36.69 7.35 8.91
C ARG B 109 36.50 6.88 10.38
N GLU B 110 36.02 7.78 11.27
CA GLU B 110 35.96 7.43 12.69
C GLU B 110 34.82 6.43 12.91
N ASP B 111 33.75 6.56 12.14
CA ASP B 111 32.71 5.53 12.22
C ASP B 111 33.26 4.17 11.75
N LEU B 112 33.80 4.13 10.53
CA LEU B 112 34.17 2.87 9.96
C LEU B 112 35.33 2.23 10.77
N ASP B 113 36.32 2.97 11.25
CA ASP B 113 37.42 2.33 12.03
C ASP B 113 36.92 1.65 13.35
N GLU B 114 35.83 2.15 13.92
CA GLU B 114 35.20 1.55 15.11
C GLU B 114 34.55 0.20 14.85
N TRP B 115 34.20 -0.10 13.60
CA TRP B 115 33.55 -1.39 13.39
C TRP B 115 34.50 -2.49 13.83
N GLU B 116 35.75 -2.39 13.41
CA GLU B 116 36.74 -3.36 13.85
C GLU B 116 37.21 -3.02 15.27
N ALA B 117 37.46 -1.75 15.59
CA ALA B 117 38.22 -1.44 16.81
C ALA B 117 37.33 -1.64 18.04
N LYS B 118 36.02 -1.43 17.95
CA LYS B 118 35.10 -1.42 19.11
C LYS B 118 34.04 -2.52 18.99
N TYR B 119 33.59 -2.84 17.79
CA TYR B 119 32.47 -3.79 17.58
C TYR B 119 32.90 -5.14 17.00
N GLY B 120 34.19 -5.43 17.08
CA GLY B 120 34.64 -6.80 16.80
C GLY B 120 34.70 -7.26 15.33
N ALA B 121 34.37 -6.39 14.37
CA ALA B 121 34.28 -6.79 12.99
C ALA B 121 35.67 -6.76 12.35
N THR B 122 36.49 -7.79 12.56
CA THR B 122 37.85 -7.78 11.99
C THR B 122 37.91 -7.39 10.53
N GLY B 123 38.82 -6.50 10.16
CA GLY B 123 38.95 -6.14 8.77
C GLY B 123 38.02 -5.04 8.26
N TRP B 124 37.08 -4.57 9.07
CA TRP B 124 36.16 -3.50 8.62
C TRP B 124 36.66 -2.20 9.22
N ASN B 125 37.37 -1.40 8.42
CA ASN B 125 37.88 -0.13 8.95
C ASN B 125 37.99 0.82 7.75
N ALA B 126 38.43 2.05 8.02
CA ALA B 126 38.52 2.98 6.89
C ALA B 126 39.50 2.46 5.81
N GLU B 127 40.61 1.86 6.20
CA GLU B 127 41.56 1.31 5.21
C GLU B 127 40.87 0.36 4.21
N ALA B 128 39.90 -0.43 4.68
CA ALA B 128 39.19 -1.39 3.81
C ALA B 128 38.17 -0.64 2.93
N ALA B 129 37.54 0.39 3.50
CA ALA B 129 36.45 1.03 2.75
C ALA B 129 36.93 2.11 1.76
N TRP B 130 37.99 2.84 2.09
CA TRP B 130 38.41 3.97 1.22
C TRP B 130 38.62 3.58 -0.24
N PRO B 131 39.34 2.46 -0.52
CA PRO B 131 39.49 2.11 -1.96
C PRO B 131 38.21 1.68 -2.63
N LEU B 132 37.28 1.18 -1.82
CA LEU B 132 36.00 0.71 -2.36
C LEU B 132 35.07 1.90 -2.65
N TYR B 133 35.08 2.93 -1.79
CA TYR B 133 34.33 4.13 -2.18
C TYR B 133 34.97 4.70 -3.44
N LYS B 134 36.31 4.70 -3.51
CA LYS B 134 36.96 5.20 -4.74
C LYS B 134 36.54 4.43 -5.99
N ARG B 135 36.55 3.10 -5.92
CA ARG B 135 36.20 2.27 -7.05
C ARG B 135 34.73 2.47 -7.47
N LEU B 136 33.84 2.74 -6.50
CA LEU B 136 32.43 2.72 -6.88
C LEU B 136 32.03 4.02 -7.54
N GLU B 137 32.71 5.12 -7.23
CA GLU B 137 32.25 6.43 -7.70
C GLU B 137 32.99 7.03 -8.94
N THR B 138 32.26 7.84 -9.68
CA THR B 138 32.84 8.92 -10.50
C THR B 138 32.41 10.20 -9.83
N ASN B 139 33.37 10.92 -9.24
CA ASN B 139 33.03 12.07 -8.39
C ASN B 139 33.52 13.33 -9.06
N GLU B 140 32.65 14.34 -9.16
CA GLU B 140 32.98 15.64 -9.77
C GLU B 140 34.22 16.24 -9.12
N ASP B 141 34.50 15.94 -7.84
CA ASP B 141 35.63 16.58 -7.20
C ASP B 141 36.94 15.79 -7.34
N ALA B 142 36.95 14.72 -8.12
CA ALA B 142 38.16 13.92 -8.32
C ALA B 142 39.24 14.78 -8.97
N GLY B 143 40.49 14.54 -8.60
CA GLY B 143 41.62 15.30 -9.19
C GLY B 143 42.82 15.08 -8.27
N PRO B 144 43.99 15.55 -8.69
CA PRO B 144 45.20 15.24 -7.94
C PRO B 144 45.25 15.94 -6.56
N ASP B 145 44.43 16.96 -6.31
CA ASP B 145 44.38 17.59 -4.98
C ASP B 145 43.32 16.94 -4.08
N ALA B 146 42.61 15.94 -4.61
CA ALA B 146 41.69 15.09 -3.84
C ALA B 146 41.89 13.63 -4.30
N PRO B 147 43.07 13.06 -4.03
CA PRO B 147 43.36 11.72 -4.60
C PRO B 147 42.55 10.56 -4.01
N HIS B 148 41.83 10.75 -2.89
CA HIS B 148 40.95 9.65 -2.41
C HIS B 148 39.77 9.46 -3.36
N HIS B 149 39.38 10.48 -4.13
CA HIS B 149 38.17 10.35 -4.95
C HIS B 149 38.34 9.45 -6.17
N GLY B 150 37.27 8.77 -6.57
CA GLY B 150 37.33 7.98 -7.82
C GLY B 150 36.84 8.81 -8.99
N ASP B 151 37.43 8.56 -10.16
CA ASP B 151 36.99 9.22 -11.36
C ASP B 151 36.40 8.27 -12.42
N SER B 152 36.25 6.99 -12.11
CA SER B 152 35.90 5.99 -13.16
C SER B 152 34.79 5.08 -12.72
N GLY B 153 34.22 5.28 -11.53
CA GLY B 153 33.32 4.21 -11.05
C GLY B 153 31.90 4.38 -11.59
N PRO B 154 31.05 3.36 -11.41
CA PRO B 154 29.71 3.35 -12.05
C PRO B 154 28.78 4.39 -11.43
N VAL B 155 29.01 4.80 -10.17
CA VAL B 155 28.02 5.63 -9.49
C VAL B 155 28.47 7.08 -9.62
N HIS B 156 27.68 7.90 -10.33
CA HIS B 156 28.09 9.32 -10.58
C HIS B 156 27.66 10.24 -9.44
N LEU B 157 28.60 10.97 -8.85
CA LEU B 157 28.37 11.92 -7.76
C LEU B 157 28.67 13.31 -8.33
N MET B 158 27.79 14.26 -8.07
CA MET B 158 28.00 15.60 -8.60
C MET B 158 27.64 16.59 -7.47
N ASN B 159 28.09 17.84 -7.57
CA ASN B 159 27.78 18.88 -6.61
C ASN B 159 26.43 19.49 -6.95
N VAL B 160 25.57 19.76 -5.97
CA VAL B 160 24.32 20.49 -6.25
C VAL B 160 24.66 21.95 -6.51
N PRO B 161 24.39 22.50 -7.71
CA PRO B 161 24.76 23.87 -7.95
C PRO B 161 23.98 24.79 -6.99
N PRO B 162 24.64 25.81 -6.45
CA PRO B 162 24.06 26.77 -5.51
C PRO B 162 23.04 27.74 -6.12
N LYS B 163 21.99 27.23 -6.73
CA LYS B 163 21.02 28.09 -7.40
C LYS B 163 19.89 28.59 -6.51
N ASP B 164 19.50 27.83 -5.50
CA ASP B 164 18.35 28.27 -4.68
C ASP B 164 18.73 29.46 -3.80
N PRO B 165 18.13 30.65 -4.05
CA PRO B 165 18.59 31.80 -3.26
C PRO B 165 18.30 31.63 -1.77
N THR B 166 17.27 30.86 -1.41
CA THR B 166 16.96 30.67 0.02
C THR B 166 18.07 29.81 0.65
N GLY B 167 18.54 28.82 -0.11
CA GLY B 167 19.63 27.92 0.36
C GLY B 167 20.91 28.72 0.57
N VAL B 168 21.24 29.55 -0.43
CA VAL B 168 22.43 30.40 -0.31
C VAL B 168 22.31 31.29 0.93
N ALA B 169 21.15 31.90 1.16
CA ALA B 169 20.95 32.78 2.33
C ALA B 169 21.01 31.94 3.63
N LEU B 170 20.51 30.72 3.60
CA LEU B 170 20.58 29.85 4.80
C LEU B 170 22.02 29.48 5.17
N LEU B 171 22.86 29.20 4.16
CA LEU B 171 24.26 28.95 4.43
C LEU B 171 24.93 30.23 4.98
N ASP B 172 24.63 31.40 4.42
CA ASP B 172 25.11 32.67 5.01
C ASP B 172 24.62 32.83 6.46
N ALA B 173 23.41 32.37 6.74
CA ALA B 173 22.93 32.40 8.14
C ALA B 173 23.66 31.40 9.01
N CYS B 174 23.89 30.18 8.50
CA CYS B 174 24.70 29.23 9.27
C CYS B 174 26.04 29.89 9.66
N GLU B 175 26.69 30.52 8.67
CA GLU B 175 27.94 31.26 8.97
C GLU B 175 27.84 32.32 10.08
N GLN B 176 26.73 33.07 10.06
CA GLN B 176 26.43 34.02 11.12
C GLN B 176 26.23 33.36 12.47
N ALA B 177 25.69 32.14 12.55
CA ALA B 177 25.49 31.45 13.77
C ALA B 177 26.74 30.63 14.13
N GLY B 178 27.89 30.77 13.46
CA GLY B 178 29.13 30.05 13.83
C GLY B 178 29.25 28.67 13.18
N ILE B 179 28.53 28.36 12.11
CA ILE B 179 28.69 27.05 11.39
C ILE B 179 29.14 27.41 9.96
N PRO B 180 30.43 27.18 9.64
CA PRO B 180 31.00 27.68 8.40
C PRO B 180 30.54 26.82 7.22
N ARG B 181 30.70 27.32 6.00
CA ARG B 181 30.51 26.41 4.84
C ARG B 181 31.65 25.39 4.85
N ALA B 182 31.38 24.14 4.52
CA ALA B 182 32.42 23.12 4.53
C ALA B 182 32.24 22.25 3.29
N LYS B 183 33.32 21.72 2.77
CA LYS B 183 33.24 20.83 1.61
C LYS B 183 32.97 19.40 2.13
N PHE B 184 32.03 18.70 1.46
CA PHE B 184 31.71 17.35 1.86
C PHE B 184 32.58 16.35 1.10
N ASN B 185 32.67 15.17 1.68
CA ASN B 185 33.33 13.96 1.13
C ASN B 185 34.78 14.30 0.78
N THR B 186 35.44 15.08 1.63
CA THR B 186 36.88 15.26 1.38
C THR B 186 37.72 14.13 2.02
N GLY B 187 37.09 13.28 2.82
CA GLY B 187 37.85 12.31 3.61
C GLY B 187 38.06 12.76 5.06
N THR B 188 37.93 14.05 5.31
CA THR B 188 37.97 14.56 6.65
C THR B 188 36.53 14.86 7.12
N THR B 189 36.20 14.31 8.28
CA THR B 189 34.85 14.43 8.80
C THR B 189 34.46 15.87 9.11
N VAL B 190 33.24 16.26 8.75
CA VAL B 190 32.74 17.59 9.07
C VAL B 190 32.03 17.45 10.40
N VAL B 191 32.55 18.09 11.46
CA VAL B 191 31.87 18.10 12.75
C VAL B 191 30.98 19.35 12.81
N ASN B 192 31.50 20.50 12.42
CA ASN B 192 30.72 21.78 12.49
C ASN B 192 30.80 22.37 11.09
N GLY B 193 29.77 22.27 10.25
CA GLY B 193 29.92 22.87 8.89
C GLY B 193 28.64 22.53 8.12
N ALA B 194 28.41 23.19 6.99
CA ALA B 194 27.13 23.13 6.28
C ALA B 194 27.46 23.35 4.81
N ASN B 195 26.67 22.77 3.88
CA ASN B 195 26.78 23.16 2.47
C ASN B 195 25.69 22.47 1.65
N PHE B 196 25.62 22.86 0.40
CA PHE B 196 24.95 22.05 -0.62
C PHE B 196 25.60 20.68 -0.74
N PHE B 197 24.76 19.65 -0.87
CA PHE B 197 25.20 18.23 -0.91
C PHE B 197 25.91 17.87 -2.19
N GLN B 198 26.67 16.78 -2.10
CA GLN B 198 26.91 15.97 -3.29
C GLN B 198 25.73 15.00 -3.40
N ILE B 199 25.20 14.79 -4.62
CA ILE B 199 24.13 13.83 -4.88
C ILE B 199 24.64 12.84 -5.91
N ASN B 200 24.14 11.60 -5.81
CA ASN B 200 24.48 10.58 -6.80
C ASN B 200 23.43 10.67 -7.92
N ARG B 201 23.68 11.63 -8.78
CA ARG B 201 22.81 11.89 -9.89
C ARG B 201 23.61 12.09 -11.16
N ARG B 202 23.10 11.56 -12.26
CA ARG B 202 23.74 11.83 -13.56
C ARG B 202 23.40 13.20 -14.12
N ALA B 203 24.23 13.69 -15.05
CA ALA B 203 24.04 15.01 -15.68
C ALA B 203 22.66 15.21 -16.27
N ASP B 204 22.06 14.16 -16.84
CA ASP B 204 20.73 14.34 -17.44
C ASP B 204 19.54 14.31 -16.46
N GLY B 205 19.77 14.23 -15.15
CA GLY B 205 18.69 14.18 -14.15
C GLY B 205 18.26 12.78 -13.68
N THR B 206 18.79 11.72 -14.30
CA THR B 206 18.56 10.34 -13.85
C THR B 206 19.32 10.06 -12.54
N ARG B 207 18.66 9.44 -11.56
CA ARG B 207 19.34 9.08 -10.30
C ARG B 207 20.42 8.04 -10.65
N SER B 208 21.60 8.15 -10.05
CA SER B 208 22.66 7.15 -10.21
C SER B 208 22.36 6.05 -9.17
N SER B 209 21.17 5.43 -9.29
CA SER B 209 20.78 4.34 -8.37
C SER B 209 21.73 3.15 -8.56
N SER B 210 21.67 2.14 -7.70
CA SER B 210 22.51 0.94 -7.93
C SER B 210 22.15 0.15 -9.20
N SER B 211 20.87 0.20 -9.58
CA SER B 211 20.46 -0.54 -10.76
C SER B 211 20.91 0.23 -12.03
N VAL B 212 20.72 1.55 -12.06
CA VAL B 212 21.18 2.38 -13.19
C VAL B 212 22.69 2.20 -13.34
N SER B 213 23.40 2.18 -12.21
CA SER B 213 24.87 2.30 -12.23
C SER B 213 25.50 0.91 -12.45
N TYR B 214 25.03 -0.15 -11.77
CA TYR B 214 25.68 -1.48 -11.89
C TYR B 214 24.96 -2.47 -12.82
N ILE B 215 23.63 -2.41 -12.92
CA ILE B 215 22.84 -3.49 -13.63
C ILE B 215 22.47 -3.14 -15.09
N HIS B 216 22.00 -1.93 -15.36
CA HIS B 216 21.57 -1.60 -16.73
C HIS B 216 22.65 -1.90 -17.77
N PRO B 217 23.94 -1.61 -17.47
CA PRO B 217 24.97 -1.94 -18.47
C PRO B 217 25.20 -3.42 -18.72
N ILE B 218 24.83 -4.29 -17.78
CA ILE B 218 25.13 -5.73 -17.91
C ILE B 218 23.96 -6.66 -18.10
N VAL B 219 22.76 -6.14 -18.35
CA VAL B 219 21.53 -6.95 -18.45
C VAL B 219 21.69 -8.09 -19.49
N GLU B 220 22.45 -7.80 -20.54
CA GLU B 220 22.63 -8.80 -21.60
C GLU B 220 23.95 -9.59 -21.46
N GLN B 221 24.70 -9.40 -20.40
CA GLN B 221 25.94 -10.15 -20.26
C GLN B 221 25.66 -11.66 -20.15
N GLU B 222 26.49 -12.45 -20.81
CA GLU B 222 26.21 -13.87 -20.99
C GLU B 222 25.97 -14.64 -19.69
N ASN B 223 26.63 -14.28 -18.60
CA ASN B 223 26.60 -15.07 -17.36
C ASN B 223 25.64 -14.49 -16.31
N PHE B 224 24.83 -13.51 -16.68
CA PHE B 224 23.98 -12.79 -15.71
C PHE B 224 22.50 -12.95 -16.04
N THR B 225 21.68 -13.30 -15.05
CA THR B 225 20.23 -13.42 -15.22
C THR B 225 19.57 -12.45 -14.22
N LEU B 226 18.69 -11.58 -14.70
CA LEU B 226 17.98 -10.62 -13.83
C LEU B 226 16.55 -11.13 -13.78
N LEU B 227 16.07 -11.49 -12.60
CA LEU B 227 14.71 -11.99 -12.42
C LEU B 227 13.88 -11.02 -11.61
N THR B 228 12.92 -10.33 -12.24
CA THR B 228 12.08 -9.37 -11.49
C THR B 228 10.65 -9.89 -11.25
N GLY B 229 9.89 -9.23 -10.37
CA GLY B 229 8.55 -9.65 -9.97
C GLY B 229 8.55 -10.98 -9.23
N LEU B 230 9.65 -11.37 -8.57
CA LEU B 230 9.65 -12.67 -7.88
C LEU B 230 10.11 -12.51 -6.46
N ARG B 231 9.29 -12.99 -5.53
CA ARG B 231 9.50 -12.64 -4.12
C ARG B 231 9.99 -13.85 -3.34
N ALA B 232 11.15 -13.77 -2.69
CA ALA B 232 11.68 -14.90 -1.93
C ALA B 232 10.84 -15.07 -0.66
N ARG B 233 10.47 -16.33 -0.38
CA ARG B 233 9.67 -16.64 0.81
C ARG B 233 10.49 -17.49 1.78
N GLN B 234 11.58 -18.14 1.33
CA GLN B 234 12.34 -19.00 2.27
C GLN B 234 13.66 -19.39 1.61
N LEU B 235 14.71 -19.49 2.40
CA LEU B 235 16.00 -20.04 1.92
C LEU B 235 15.92 -21.56 2.09
N VAL B 236 16.70 -22.31 1.31
CA VAL B 236 16.61 -23.78 1.26
C VAL B 236 17.93 -24.32 1.78
N PHE B 237 17.93 -25.30 2.68
CA PHE B 237 19.22 -25.82 3.17
C PHE B 237 19.21 -27.33 3.04
N ASP B 238 20.35 -27.94 2.77
CA ASP B 238 20.42 -29.41 2.81
C ASP B 238 20.68 -29.94 4.22
N ALA B 239 20.89 -31.25 4.28
CA ALA B 239 20.97 -31.96 5.57
C ALA B 239 22.27 -31.54 6.26
N ASP B 240 23.25 -31.07 5.52
CA ASP B 240 24.44 -30.53 6.17
C ASP B 240 24.37 -29.06 6.61
N ARG B 241 23.21 -28.42 6.56
CA ARG B 241 23.14 -27.00 6.79
C ARG B 241 23.86 -26.12 5.75
N ARG B 242 24.12 -26.62 4.55
CA ARG B 242 24.53 -25.77 3.43
CA ARG B 242 24.54 -25.77 3.44
C ARG B 242 23.28 -25.14 2.79
N CYS B 243 23.34 -23.84 2.52
CA CYS B 243 22.24 -23.16 1.79
C CYS B 243 22.34 -23.60 0.33
N THR B 244 21.30 -24.17 -0.24
CA THR B 244 21.41 -24.60 -1.63
C THR B 244 20.53 -23.76 -2.57
N GLY B 245 19.94 -22.69 -2.03
CA GLY B 245 19.07 -21.89 -2.91
C GLY B 245 17.92 -21.22 -2.18
N VAL B 246 16.88 -20.87 -2.93
CA VAL B 246 15.82 -20.00 -2.40
C VAL B 246 14.52 -20.32 -3.10
N ASP B 247 13.41 -20.34 -2.37
CA ASP B 247 12.07 -20.58 -2.93
C ASP B 247 11.48 -19.18 -3.15
N ILE B 248 10.98 -18.92 -4.35
CA ILE B 248 10.44 -17.61 -4.71
C ILE B 248 9.04 -17.81 -5.26
N VAL B 249 8.26 -16.73 -5.21
CA VAL B 249 6.85 -16.78 -5.53
C VAL B 249 6.57 -15.83 -6.66
N ASP B 250 5.77 -16.25 -7.64
CA ASP B 250 5.47 -15.44 -8.82
C ASP B 250 4.27 -14.50 -8.56
N SER B 251 3.99 -13.49 -9.38
CA SER B 251 2.79 -12.67 -9.12
C SER B 251 1.48 -13.16 -9.79
N ALA B 252 1.57 -14.14 -10.69
CA ALA B 252 0.40 -14.72 -11.37
C ALA B 252 -0.52 -15.45 -10.37
N PHE B 253 -0.19 -16.67 -9.94
CA PHE B 253 -1.08 -17.37 -9.04
C PHE B 253 -0.46 -17.56 -7.64
N GLY B 254 0.73 -17.01 -7.46
CA GLY B 254 1.46 -17.19 -6.23
C GLY B 254 2.02 -18.59 -6.12
N HIS B 255 2.40 -19.26 -7.21
CA HIS B 255 3.11 -20.53 -7.06
C HIS B 255 4.57 -20.34 -6.60
N THR B 256 5.12 -21.37 -5.95
CA THR B 256 6.49 -21.35 -5.42
C THR B 256 7.47 -22.06 -6.38
N HIS B 257 8.68 -21.55 -6.59
CA HIS B 257 9.58 -22.11 -7.60
C HIS B 257 10.94 -22.08 -6.92
N ARG B 258 11.76 -23.10 -7.11
CA ARG B 258 13.03 -23.20 -6.40
C ARG B 258 14.16 -22.78 -7.36
N LEU B 259 15.06 -21.90 -6.94
CA LEU B 259 16.30 -21.63 -7.67
C LEU B 259 17.42 -22.27 -6.85
N THR B 260 18.47 -22.77 -7.50
CA THR B 260 19.56 -23.51 -6.82
C THR B 260 20.84 -22.75 -7.03
N ALA B 261 21.65 -22.65 -5.96
CA ALA B 261 22.97 -22.04 -6.05
C ALA B 261 24.05 -23.09 -5.79
N ARG B 262 25.02 -23.21 -6.69
CA ARG B 262 26.11 -24.17 -6.52
C ARG B 262 27.12 -23.59 -5.53
N ASN B 263 27.26 -22.27 -5.42
CA ASN B 263 28.36 -21.71 -4.59
C ASN B 263 27.81 -21.04 -3.33
N GLU B 264 27.19 -19.86 -3.47
CA GLU B 264 26.63 -19.15 -2.32
C GLU B 264 25.36 -18.39 -2.69
N VAL B 265 24.54 -18.20 -1.67
CA VAL B 265 23.43 -17.27 -1.74
C VAL B 265 23.81 -16.04 -0.92
N VAL B 266 23.57 -14.86 -1.50
CA VAL B 266 23.80 -13.63 -0.78
C VAL B 266 22.43 -13.02 -0.57
N LEU B 267 22.10 -12.72 0.67
CA LEU B 267 20.82 -12.06 0.94
C LEU B 267 21.04 -10.56 1.08
N SER B 268 20.28 -9.73 0.36
CA SER B 268 20.54 -8.25 0.30
C SER B 268 19.13 -7.61 0.24
N THR B 269 18.16 -8.18 0.97
CA THR B 269 16.76 -7.68 0.97
C THR B 269 16.56 -6.52 1.95
N GLY B 270 17.63 -6.07 2.60
CA GLY B 270 17.62 -4.82 3.37
C GLY B 270 17.30 -5.04 4.86
N ALA B 271 17.29 -3.97 5.68
CA ALA B 271 17.24 -4.13 7.13
C ALA B 271 15.91 -4.62 7.67
N ILE B 272 14.84 -4.49 6.88
CA ILE B 272 13.55 -5.03 7.38
C ILE B 272 13.28 -6.43 6.83
N ASP B 273 13.44 -6.61 5.53
CA ASP B 273 13.16 -7.91 4.91
C ASP B 273 14.18 -8.98 5.14
N THR B 274 15.47 -8.61 5.28
CA THR B 274 16.48 -9.65 5.63
C THR B 274 16.19 -10.43 6.92
N PRO B 275 16.05 -9.74 8.06
CA PRO B 275 15.78 -10.54 9.24
C PRO B 275 14.50 -11.38 9.06
N LYS B 276 13.48 -10.84 8.38
CA LYS B 276 12.20 -11.59 8.22
C LYS B 276 12.47 -12.86 7.40
N LEU B 277 13.20 -12.75 6.30
CA LEU B 277 13.45 -13.97 5.48
C LEU B 277 14.31 -14.98 6.27
N LEU B 278 15.32 -14.53 7.01
CA LEU B 278 16.09 -15.49 7.80
C LEU B 278 15.22 -16.20 8.83
N MET B 279 14.39 -15.42 9.52
CA MET B 279 13.48 -16.02 10.52
C MET B 279 12.50 -17.03 9.92
N LEU B 280 11.94 -16.70 8.76
CA LEU B 280 11.05 -17.64 8.06
C LEU B 280 11.79 -18.91 7.63
N SER B 281 13.09 -18.77 7.43
CA SER B 281 13.91 -19.93 7.08
C SER B 281 14.51 -20.66 8.30
N GLY B 282 14.10 -20.36 9.53
CA GLY B 282 14.57 -21.14 10.68
C GLY B 282 15.80 -20.53 11.37
N ILE B 283 16.25 -19.33 11.04
CA ILE B 283 17.47 -18.71 11.59
C ILE B 283 17.01 -17.47 12.37
N GLY B 284 17.03 -17.49 13.71
CA GLY B 284 16.56 -16.33 14.50
C GLY B 284 16.43 -16.75 15.96
N PRO B 285 15.88 -15.88 16.80
CA PRO B 285 15.76 -16.10 18.25
C PRO B 285 14.84 -17.31 18.47
N ALA B 286 15.33 -18.42 19.05
CA ALA B 286 14.50 -19.61 19.20
C ALA B 286 13.12 -19.34 19.79
N ALA B 287 12.95 -18.49 20.81
CA ALA B 287 11.66 -18.37 21.51
C ALA B 287 10.65 -17.68 20.57
N HIS B 288 11.16 -16.80 19.69
CA HIS B 288 10.31 -16.11 18.69
C HIS B 288 9.85 -17.04 17.58
N LEU B 289 10.79 -17.81 17.00
CA LEU B 289 10.42 -18.77 15.99
C LEU B 289 9.37 -19.76 16.52
N ALA B 290 9.53 -20.17 17.78
CA ALA B 290 8.53 -21.05 18.41
C ALA B 290 7.13 -20.37 18.58
N GLU B 291 7.04 -19.07 18.81
CA GLU B 291 5.77 -18.37 18.83
C GLU B 291 5.04 -18.58 17.48
N HIS B 292 5.73 -18.81 16.37
CA HIS B 292 5.03 -18.94 15.07
C HIS B 292 5.15 -20.31 14.47
N GLY B 293 5.50 -21.29 15.31
CA GLY B 293 5.52 -22.69 14.91
C GLY B 293 6.63 -22.96 13.92
N ILE B 294 7.74 -22.22 13.90
CA ILE B 294 8.78 -22.42 12.89
C ILE B 294 9.90 -23.22 13.57
N GLU B 295 10.31 -24.33 12.97
CA GLU B 295 11.37 -25.15 13.51
C GLU B 295 12.68 -24.37 13.47
N VAL B 296 13.47 -24.44 14.53
CA VAL B 296 14.71 -23.70 14.62
C VAL B 296 15.81 -24.47 13.88
N LEU B 297 16.41 -23.86 12.87
CA LEU B 297 17.64 -24.37 12.29
C LEU B 297 18.88 -23.83 13.01
N VAL B 298 18.92 -22.52 13.25
CA VAL B 298 19.98 -21.92 14.05
C VAL B 298 19.28 -20.98 15.05
N ASP B 299 19.56 -21.11 16.34
CA ASP B 299 19.07 -20.18 17.35
C ASP B 299 20.07 -19.00 17.25
N SER B 300 19.63 -17.91 16.68
CA SER B 300 20.54 -16.78 16.43
C SER B 300 19.87 -15.53 16.99
N PRO B 301 20.09 -15.25 18.29
CA PRO B 301 19.32 -14.31 19.08
C PRO B 301 19.41 -12.86 18.57
N GLY B 302 20.43 -12.50 17.79
CA GLY B 302 20.59 -11.15 17.29
C GLY B 302 19.81 -10.88 16.00
N VAL B 303 19.20 -11.89 15.40
CA VAL B 303 18.44 -11.63 14.15
C VAL B 303 17.20 -10.81 14.47
N GLY B 304 17.10 -9.64 13.84
CA GLY B 304 16.01 -8.69 14.07
C GLY B 304 16.21 -7.87 15.34
N GLU B 305 17.29 -8.04 16.11
CA GLU B 305 17.61 -7.13 17.22
C GLU B 305 18.49 -5.98 16.79
N HIS B 306 18.70 -4.98 17.67
CA HIS B 306 19.63 -3.89 17.39
C HIS B 306 19.21 -2.99 16.22
N LEU B 307 17.90 -2.87 15.96
CA LEU B 307 17.48 -1.98 14.89
C LEU B 307 17.79 -0.52 15.30
N GLN B 308 18.50 0.20 14.42
CA GLN B 308 18.92 1.57 14.56
C GLN B 308 18.33 2.42 13.45
N ASP B 309 18.29 3.73 13.72
CA ASP B 309 17.75 4.62 12.65
C ASP B 309 18.22 6.06 13.01
N HIS B 310 17.98 7.01 12.12
CA HIS B 310 18.19 8.42 12.41
C HIS B 310 16.77 8.94 12.58
N PRO B 311 16.30 9.11 13.83
CA PRO B 311 15.00 9.72 13.99
C PRO B 311 15.07 11.22 13.61
N GLU B 312 13.95 11.83 13.25
CA GLU B 312 14.05 13.16 12.62
C GLU B 312 12.94 14.07 13.12
N GLY B 313 13.17 15.36 13.38
CA GLY B 313 12.08 16.23 13.72
C GLY B 313 11.94 17.28 12.65
N VAL B 314 10.99 18.20 12.78
CA VAL B 314 10.89 19.20 11.71
C VAL B 314 10.55 20.57 12.32
N VAL B 315 11.13 21.65 11.77
CA VAL B 315 10.68 23.02 12.10
C VAL B 315 10.25 23.58 10.73
N GLN B 316 9.02 24.06 10.58
CA GLN B 316 8.53 24.49 9.31
C GLN B 316 8.21 25.99 9.37
N PHE B 317 8.55 26.72 8.29
CA PHE B 317 8.36 28.17 8.25
C PHE B 317 7.57 28.52 7.00
N GLU B 318 6.80 29.59 7.08
CA GLU B 318 6.24 30.24 5.90
C GLU B 318 7.40 31.02 5.27
N ALA B 319 7.49 31.03 3.93
CA ALA B 319 8.57 31.81 3.29
C ALA B 319 8.03 33.19 2.96
N LYS B 320 8.80 34.25 3.19
CA LYS B 320 8.33 35.60 2.89
C LYS B 320 8.36 35.95 1.43
N GLN B 321 8.99 35.17 0.56
CA GLN B 321 9.00 35.46 -0.89
C GLN B 321 8.72 34.12 -1.58
N PRO B 322 8.36 34.09 -2.87
CA PRO B 322 8.14 32.87 -3.63
C PRO B 322 9.34 31.88 -3.60
N MET B 323 9.12 30.67 -3.10
CA MET B 323 10.12 29.58 -3.14
C MET B 323 10.43 29.06 -4.54
N VAL B 324 11.57 28.41 -4.73
CA VAL B 324 12.00 27.87 -6.04
C VAL B 324 10.98 26.88 -6.56
N ALA B 325 10.74 26.92 -7.87
CA ALA B 325 9.73 26.06 -8.48
C ALA B 325 10.41 24.78 -8.99
N GLU B 326 11.73 24.78 -9.13
CA GLU B 326 12.52 23.66 -9.68
C GLU B 326 13.65 23.33 -8.69
N SER B 327 14.13 22.09 -8.66
CA SER B 327 15.18 21.70 -7.71
C SER B 327 15.85 20.42 -8.19
N THR B 328 17.02 20.07 -7.69
CA THR B 328 17.51 18.70 -7.97
C THR B 328 16.63 17.64 -7.25
N GLN B 329 16.34 17.83 -5.96
CA GLN B 329 15.62 16.80 -5.18
C GLN B 329 14.99 17.39 -3.93
N TRP B 330 14.87 18.74 -3.89
CA TRP B 330 14.12 19.49 -2.90
C TRP B 330 14.74 19.53 -1.49
N TRP B 331 15.83 18.81 -1.24
CA TRP B 331 16.47 18.70 0.05
C TRP B 331 17.96 18.85 -0.19
N GLU B 332 18.42 20.07 -0.44
CA GLU B 332 19.71 20.21 -1.13
C GLU B 332 20.84 20.58 -0.17
N ILE B 333 20.54 20.88 1.08
CA ILE B 333 21.64 21.36 1.97
C ILE B 333 21.62 20.50 3.24
N GLY B 334 22.80 20.20 3.79
CA GLY B 334 22.97 19.55 5.06
C GLY B 334 23.76 20.44 5.97
N ILE B 335 23.46 20.35 7.27
CA ILE B 335 24.16 21.16 8.29
C ILE B 335 24.54 20.23 9.41
N PHE B 336 25.81 20.21 9.75
CA PHE B 336 26.27 19.39 10.84
C PHE B 336 26.79 20.32 11.94
N THR B 337 26.45 19.96 13.17
CA THR B 337 26.91 20.76 14.30
C THR B 337 26.92 19.97 15.64
N PRO B 338 27.92 20.19 16.51
CA PRO B 338 27.93 19.33 17.68
C PRO B 338 27.10 19.97 18.83
N THR B 339 26.37 19.19 19.61
CA THR B 339 25.66 19.81 20.70
C THR B 339 26.52 19.79 21.96
N GLU B 340 27.66 19.11 21.98
CA GLU B 340 28.59 19.28 23.12
C GLU B 340 30.01 19.30 22.61
N ASP B 341 30.91 19.62 23.54
CA ASP B 341 32.34 19.76 23.25
C ASP B 341 33.04 18.41 23.04
N GLY B 342 34.18 18.41 22.36
CA GLY B 342 35.01 17.20 22.36
C GLY B 342 34.62 16.04 21.44
N LEU B 343 33.70 16.28 20.50
CA LEU B 343 33.24 15.18 19.66
C LEU B 343 34.14 15.10 18.42
N ASP B 344 34.37 13.89 17.89
CA ASP B 344 35.04 13.84 16.59
C ASP B 344 34.06 13.61 15.42
N ARG B 345 32.76 13.48 15.74
CA ARG B 345 31.66 13.37 14.75
C ARG B 345 30.50 14.19 15.30
N PRO B 346 29.75 14.87 14.43
CA PRO B 346 28.64 15.71 14.89
C PRO B 346 27.58 14.77 15.48
N ASP B 347 26.90 15.18 16.55
CA ASP B 347 25.82 14.30 17.08
C ASP B 347 24.43 14.70 16.51
N LEU B 348 24.43 15.79 15.77
CA LEU B 348 23.21 16.42 15.22
C LEU B 348 23.48 16.79 13.76
N MET B 349 22.54 16.46 12.88
CA MET B 349 22.58 16.90 11.50
C MET B 349 21.21 17.52 11.24
N MET B 350 21.08 18.45 10.28
CA MET B 350 19.76 18.89 9.81
C MET B 350 19.76 18.94 8.30
N HIS B 351 18.63 18.66 7.66
CA HIS B 351 18.49 18.88 6.23
C HIS B 351 17.66 20.15 6.02
N TYR B 352 17.93 20.87 4.93
CA TYR B 352 17.12 22.01 4.57
C TYR B 352 16.27 21.57 3.34
N GLY B 353 14.94 21.66 3.45
CA GLY B 353 14.11 21.35 2.29
C GLY B 353 13.41 22.63 1.86
N SER B 354 13.33 22.82 0.55
CA SER B 354 12.70 24.04 0.01
C SER B 354 11.20 23.89 -0.10
N VAL B 355 10.63 22.98 0.69
CA VAL B 355 9.18 22.67 0.63
C VAL B 355 8.70 22.56 2.09
N PRO B 356 7.39 22.72 2.32
CA PRO B 356 6.89 22.41 3.67
C PRO B 356 6.94 20.87 3.85
N PHE B 357 6.84 20.39 5.09
CA PHE B 357 6.91 18.91 5.28
C PHE B 357 5.92 18.61 6.42
N ASP B 358 4.64 18.51 6.09
CA ASP B 358 3.57 18.54 7.12
C ASP B 358 2.94 17.17 7.25
N MET B 359 3.64 16.15 6.77
CA MET B 359 3.05 14.80 6.86
C MET B 359 2.74 14.30 8.29
N ASN B 360 3.50 14.75 9.30
CA ASN B 360 3.22 14.42 10.69
C ASN B 360 2.71 15.54 11.54
N THR B 361 2.60 16.74 10.97
CA THR B 361 2.11 17.87 11.75
C THR B 361 0.65 18.20 11.48
N LEU B 362 0.17 17.94 10.27
CA LEU B 362 -1.20 18.39 9.93
C LEU B 362 -2.22 17.66 10.85
N ARG B 363 -1.96 16.39 11.17
CA ARG B 363 -3.03 15.68 11.93
C ARG B 363 -3.11 16.19 13.37
N HIS B 364 -2.12 16.97 13.83
CA HIS B 364 -2.13 17.59 15.15
C HIS B 364 -2.60 19.04 15.10
N GLY B 365 -3.06 19.51 13.94
CA GLY B 365 -3.67 20.86 13.91
C GLY B 365 -2.64 21.95 13.69
N TYR B 366 -1.39 21.63 13.42
CA TYR B 366 -0.45 22.73 13.09
C TYR B 366 -0.82 23.38 11.73
N PRO B 367 -0.71 24.70 11.61
CA PRO B 367 -1.08 25.38 10.36
C PRO B 367 -0.05 25.02 9.30
N THR B 368 -0.48 25.00 8.04
CA THR B 368 0.44 24.63 6.98
C THR B 368 0.48 25.71 5.86
N THR B 369 1.25 25.49 4.81
CA THR B 369 1.39 26.47 3.73
C THR B 369 1.73 25.69 2.46
N GLU B 370 1.51 26.33 1.31
CA GLU B 370 2.15 25.78 0.11
C GLU B 370 3.48 26.51 -0.26
N ASN B 371 3.85 27.59 0.45
CA ASN B 371 5.09 28.30 0.12
C ASN B 371 5.96 28.48 1.37
N GLY B 372 6.84 27.53 1.60
CA GLY B 372 7.58 27.51 2.87
C GLY B 372 8.84 26.67 2.74
N PHE B 373 9.58 26.55 3.84
CA PHE B 373 10.76 25.68 3.85
C PHE B 373 10.83 24.98 5.20
N SER B 374 11.66 23.93 5.27
CA SER B 374 11.67 23.09 6.48
C SER B 374 13.13 22.82 6.85
N LEU B 375 13.40 22.75 8.16
CA LEU B 375 14.68 22.27 8.70
C LEU B 375 14.40 21.02 9.54
N THR B 376 15.08 19.91 9.23
CA THR B 376 14.75 18.65 9.86
C THR B 376 15.97 18.14 10.63
N PRO B 377 16.05 18.42 11.93
CA PRO B 377 17.15 17.89 12.73
C PRO B 377 17.01 16.37 12.86
N ASN B 378 18.14 15.66 12.80
CA ASN B 378 18.14 14.21 13.08
C ASN B 378 19.29 13.88 14.05
N VAL B 379 19.15 12.80 14.85
CA VAL B 379 20.13 12.39 15.84
C VAL B 379 21.03 11.39 15.08
N THR B 380 22.32 11.72 14.90
CA THR B 380 23.21 10.96 14.01
C THR B 380 23.67 9.61 14.59
N HIS B 381 23.83 9.49 15.91
CA HIS B 381 24.10 8.19 16.56
C HIS B 381 23.08 7.99 17.65
N ALA B 382 21.83 7.77 17.25
CA ALA B 382 20.77 7.50 18.23
C ALA B 382 21.11 6.29 19.09
N ARG B 383 20.78 6.40 20.38
CA ARG B 383 21.07 5.35 21.34
C ARG B 383 19.94 4.41 21.54
N SER B 384 18.75 4.80 21.08
CA SER B 384 17.65 3.82 21.11
C SER B 384 17.90 2.58 20.23
N ARG B 385 17.30 1.44 20.58
CA ARG B 385 17.50 0.20 19.80
C ARG B 385 16.14 -0.48 19.72
N GLY B 386 15.74 -0.93 18.54
CA GLY B 386 14.43 -1.61 18.43
C GLY B 386 14.59 -3.01 17.81
N THR B 387 13.50 -3.51 17.21
CA THR B 387 13.45 -4.91 16.77
C THR B 387 12.60 -4.97 15.50
N VAL B 388 12.89 -6.00 14.73
CA VAL B 388 12.01 -6.40 13.64
C VAL B 388 11.67 -7.87 13.99
N ARG B 389 10.39 -8.21 14.03
CA ARG B 389 9.88 -9.53 14.42
C ARG B 389 8.84 -9.93 13.38
N LEU B 390 8.66 -11.24 13.25
CA LEU B 390 7.61 -11.81 12.43
C LEU B 390 6.25 -11.45 13.03
N ARG B 391 5.30 -11.12 12.17
CA ARG B 391 3.88 -10.96 12.59
C ARG B 391 3.22 -12.35 12.51
N SER B 392 3.71 -13.24 11.64
CA SER B 392 3.13 -14.59 11.57
C SER B 392 4.05 -15.50 10.77
N ARG B 393 3.66 -16.77 10.63
CA ARG B 393 4.47 -17.65 9.81
C ARG B 393 4.21 -17.46 8.31
N ASP B 394 3.29 -16.57 7.90
CA ASP B 394 2.98 -16.33 6.47
C ASP B 394 3.87 -15.20 5.93
N PHE B 395 4.71 -15.53 4.94
CA PHE B 395 5.63 -14.58 4.30
C PHE B 395 4.93 -13.35 3.74
N ARG B 396 3.62 -13.43 3.46
CA ARG B 396 2.89 -12.28 2.94
C ARG B 396 2.62 -11.22 3.99
N ASP B 397 2.69 -11.57 5.29
CA ASP B 397 2.28 -10.61 6.31
C ASP B 397 3.47 -9.68 6.58
N LYS B 398 3.21 -8.37 6.58
CA LYS B 398 4.28 -7.41 6.91
C LYS B 398 4.84 -7.71 8.31
N PRO B 399 6.15 -7.57 8.49
CA PRO B 399 6.71 -7.83 9.84
C PRO B 399 6.38 -6.73 10.83
N MET B 400 6.64 -7.00 12.12
CA MET B 400 6.38 -5.98 13.13
C MET B 400 7.69 -5.18 13.27
N VAL B 401 7.66 -3.88 12.96
CA VAL B 401 8.90 -3.08 12.97
C VAL B 401 8.74 -2.13 14.16
N ASP B 402 9.59 -2.26 15.17
CA ASP B 402 9.45 -1.42 16.38
C ASP B 402 10.81 -0.75 16.71
N PRO B 403 11.02 0.50 16.22
CA PRO B 403 12.33 1.15 16.40
C PRO B 403 12.51 1.63 17.86
N ARG B 404 11.45 1.62 18.68
CA ARG B 404 11.53 2.07 20.08
CA ARG B 404 11.53 2.07 20.08
C ARG B 404 12.15 3.49 20.12
N TYR B 405 11.66 4.40 19.27
CA TYR B 405 12.22 5.77 19.26
C TYR B 405 12.23 6.46 20.65
N PHE B 406 13.31 7.20 20.96
CA PHE B 406 13.39 8.00 22.18
C PHE B 406 13.18 7.17 23.43
N THR B 407 13.71 5.96 23.45
CA THR B 407 13.63 5.17 24.68
C THR B 407 15.00 4.93 25.25
N ASP B 408 16.10 5.50 24.74
CA ASP B 408 17.40 5.13 25.34
C ASP B 408 17.44 5.60 26.81
N PRO B 409 18.15 4.88 27.71
CA PRO B 409 17.95 5.14 29.13
C PRO B 409 18.55 6.47 29.59
N GLU B 410 19.50 7.02 28.84
CA GLU B 410 20.05 8.34 29.20
C GLU B 410 19.22 9.51 28.69
N GLY B 411 18.25 9.24 27.81
CA GLY B 411 17.45 10.29 27.23
C GLY B 411 18.25 11.06 26.18
N HIS B 412 19.37 10.54 25.68
CA HIS B 412 20.20 11.24 24.69
C HIS B 412 19.46 11.63 23.41
N ASP B 413 18.66 10.72 22.86
CA ASP B 413 18.07 10.99 21.54
C ASP B 413 17.10 12.16 21.66
N MET B 414 16.29 12.20 22.73
CA MET B 414 15.36 13.35 22.92
C MET B 414 16.12 14.64 23.23
N ARG B 415 17.22 14.55 23.99
CA ARG B 415 18.02 15.74 24.35
C ARG B 415 18.62 16.34 23.07
N VAL B 416 19.20 15.51 22.21
CA VAL B 416 19.77 16.01 20.94
C VAL B 416 18.70 16.59 20.04
N MET B 417 17.56 15.90 19.95
CA MET B 417 16.50 16.44 19.09
C MET B 417 15.97 17.80 19.60
N VAL B 418 15.69 17.99 20.88
CA VAL B 418 15.35 19.31 21.42
C VAL B 418 16.41 20.38 21.13
N ALA B 419 17.70 20.03 21.30
CA ALA B 419 18.78 20.93 20.93
C ALA B 419 18.71 21.31 19.41
N GLY B 420 18.29 20.34 18.63
CA GLY B 420 18.25 20.48 17.18
C GLY B 420 17.13 21.44 16.80
N ILE B 421 15.95 21.34 17.41
CA ILE B 421 14.88 22.26 17.07
C ILE B 421 15.35 23.66 17.52
N ARG B 422 15.97 23.79 18.70
CA ARG B 422 16.48 25.10 19.10
CA ARG B 422 16.48 25.10 19.10
C ARG B 422 17.54 25.64 18.14
N LYS B 423 18.44 24.78 17.67
CA LYS B 423 19.47 25.29 16.74
C LYS B 423 18.81 25.67 15.39
N ALA B 424 17.79 24.93 14.93
CA ALA B 424 17.16 25.30 13.66
C ALA B 424 16.54 26.70 13.78
N ARG B 425 15.88 26.97 14.90
CA ARG B 425 15.23 28.27 15.05
C ARG B 425 16.34 29.35 15.08
N GLU B 426 17.45 29.08 15.77
CA GLU B 426 18.52 30.07 15.82
C GLU B 426 19.12 30.37 14.44
N ILE B 427 19.36 29.35 13.61
CA ILE B 427 19.80 29.56 12.23
C ILE B 427 18.79 30.35 11.38
N ALA B 428 17.51 29.97 11.46
CA ALA B 428 16.48 30.66 10.68
C ALA B 428 16.29 32.13 11.11
N ALA B 429 16.69 32.51 12.33
CA ALA B 429 16.56 33.89 12.87
C ALA B 429 17.76 34.82 12.59
N GLN B 430 18.82 34.33 11.94
CA GLN B 430 20.01 35.20 11.66
C GLN B 430 19.64 36.24 10.60
N PRO B 431 20.40 37.36 10.58
CA PRO B 431 20.16 38.46 9.65
C PRO B 431 20.17 38.02 8.18
N ALA B 432 20.98 37.02 7.74
CA ALA B 432 21.04 36.73 6.30
C ALA B 432 19.69 36.08 5.85
N MET B 433 18.88 35.57 6.80
CA MET B 433 17.59 34.92 6.44
C MET B 433 16.41 35.86 6.70
N ALA B 434 16.68 37.11 7.07
CA ALA B 434 15.56 37.96 7.50
C ALA B 434 14.54 38.24 6.38
N GLU B 435 14.94 38.19 5.11
CA GLU B 435 13.98 38.50 4.01
C GLU B 435 13.33 37.19 3.52
N TRP B 436 13.61 36.08 4.21
CA TRP B 436 13.06 34.74 3.90
C TRP B 436 12.18 34.17 5.01
N THR B 437 12.67 34.19 6.24
CA THR B 437 11.97 33.46 7.32
C THR B 437 10.69 34.15 7.75
N GLY B 438 9.53 33.55 7.45
CA GLY B 438 8.31 34.17 7.93
C GLY B 438 7.85 33.48 9.18
N ARG B 439 6.55 33.36 9.38
CA ARG B 439 6.03 32.75 10.65
C ARG B 439 6.52 31.29 10.83
N GLU B 440 6.88 30.91 12.06
CA GLU B 440 7.17 29.51 12.32
C GLU B 440 5.84 28.74 12.45
N LEU B 441 5.61 27.80 11.52
CA LEU B 441 4.33 27.09 11.47
C LEU B 441 4.34 25.88 12.43
N SER B 442 5.49 25.25 12.65
CA SER B 442 5.52 24.14 13.63
C SER B 442 6.96 24.03 14.11
N PRO B 443 7.17 23.78 15.42
CA PRO B 443 6.16 23.69 16.51
C PRO B 443 5.48 25.02 16.82
N GLY B 444 6.00 26.15 16.35
CA GLY B 444 5.31 27.44 16.64
C GLY B 444 5.94 28.11 17.87
N VAL B 445 5.88 29.44 17.90
CA VAL B 445 6.55 30.22 18.92
C VAL B 445 5.99 29.97 20.34
N GLU B 446 4.79 29.45 20.48
CA GLU B 446 4.33 29.17 21.83
C GLU B 446 5.04 27.93 22.42
N ALA B 447 5.78 27.15 21.64
CA ALA B 447 6.45 25.96 22.22
C ALA B 447 7.87 26.37 22.58
N GLN B 448 8.21 26.46 23.87
CA GLN B 448 9.47 27.09 24.29
C GLN B 448 10.21 26.18 25.32
N THR B 449 9.52 25.54 26.27
CA THR B 449 10.21 24.82 27.31
C THR B 449 10.65 23.46 26.75
N ASP B 450 11.53 22.80 27.51
CA ASP B 450 11.96 21.45 27.13
C ASP B 450 10.78 20.52 27.05
N GLU B 451 9.90 20.61 28.03
CA GLU B 451 8.69 19.78 28.01
C GLU B 451 7.77 20.01 26.79
N GLU B 452 7.54 21.27 26.41
CA GLU B 452 6.77 21.58 25.22
C GLU B 452 7.43 21.01 23.97
N LEU B 453 8.75 21.15 23.79
CA LEU B 453 9.40 20.69 22.58
C LEU B 453 9.41 19.14 22.60
N GLN B 454 9.62 18.52 23.78
CA GLN B 454 9.57 17.03 23.88
C GLN B 454 8.19 16.51 23.44
N ASP B 455 7.13 17.18 23.92
CA ASP B 455 5.77 16.75 23.57
C ASP B 455 5.54 16.88 22.06
N TYR B 456 6.05 17.95 21.46
CA TYR B 456 5.93 18.15 20.00
C TYR B 456 6.70 17.05 19.27
N ILE B 457 7.91 16.76 19.75
CA ILE B 457 8.74 15.76 19.08
C ILE B 457 8.10 14.36 19.13
N ARG B 458 7.63 13.98 20.31
CA ARG B 458 6.99 12.68 20.42
C ARG B 458 5.75 12.49 19.49
N LYS B 459 4.97 13.53 19.26
CA LYS B 459 3.78 13.52 18.40
C LYS B 459 4.14 13.55 16.89
N THR B 460 5.18 14.29 16.50
CA THR B 460 5.39 14.74 15.12
C THR B 460 6.67 14.23 14.46
N HIS B 461 7.51 13.45 15.17
CA HIS B 461 8.79 13.10 14.51
C HIS B 461 8.55 12.10 13.37
N ASN B 462 9.56 12.06 12.52
CA ASN B 462 9.60 11.17 11.36
C ASN B 462 10.90 10.36 11.49
N THR B 463 11.37 9.88 10.37
CA THR B 463 12.63 9.22 10.24
C THR B 463 13.35 9.81 8.99
N VAL B 464 14.68 9.81 8.91
CA VAL B 464 15.41 10.15 7.68
C VAL B 464 15.37 8.93 6.72
N TYR B 465 14.72 7.84 7.15
CA TYR B 465 14.54 6.59 6.31
C TYR B 465 15.81 5.73 6.23
N HIS B 466 16.46 5.59 7.40
CA HIS B 466 17.77 4.94 7.47
C HIS B 466 17.84 3.75 8.46
N PRO B 467 16.87 2.80 8.43
CA PRO B 467 16.95 1.65 9.33
C PRO B 467 18.16 0.77 8.97
N VAL B 468 18.93 0.38 10.00
CA VAL B 468 20.10 -0.49 9.79
C VAL B 468 20.25 -1.47 10.95
N GLY B 469 21.12 -2.45 10.78
CA GLY B 469 21.68 -3.07 11.97
C GLY B 469 21.04 -4.35 12.52
N THR B 470 20.00 -4.83 11.85
CA THR B 470 19.18 -5.96 12.28
C THR B 470 19.80 -7.35 12.09
N VAL B 471 20.89 -7.47 11.35
CA VAL B 471 21.53 -8.79 11.23
C VAL B 471 23.02 -8.46 11.28
N ARG B 472 23.52 -8.08 12.47
CA ARG B 472 24.80 -7.36 12.41
C ARG B 472 26.00 -8.32 12.23
N MET B 473 27.09 -7.78 11.68
CA MET B 473 28.40 -8.45 11.75
CA MET B 473 28.38 -8.46 11.77
C MET B 473 29.00 -8.24 13.15
N GLY B 474 29.88 -9.16 13.57
CA GLY B 474 30.59 -8.95 14.82
C GLY B 474 31.62 -10.06 14.99
N ALA B 475 32.10 -10.21 16.21
CA ALA B 475 33.12 -11.21 16.51
C ALA B 475 32.59 -12.63 16.27
N VAL B 476 33.50 -13.51 15.87
CA VAL B 476 33.18 -14.94 15.68
C VAL B 476 32.51 -15.49 16.93
N GLU B 477 32.96 -15.10 18.13
CA GLU B 477 32.39 -15.62 19.38
C GLU B 477 31.27 -14.80 19.99
N ASP B 478 30.84 -13.71 19.36
CA ASP B 478 29.74 -12.91 19.94
C ASP B 478 28.39 -13.51 19.48
N GLU B 479 27.67 -14.19 20.38
CA GLU B 479 26.42 -14.84 19.99
C GLU B 479 25.30 -13.91 19.58
N MET B 480 25.36 -12.63 19.96
CA MET B 480 24.31 -11.64 19.56
C MET B 480 24.63 -11.07 18.17
N SER B 481 25.73 -11.48 17.51
CA SER B 481 26.04 -11.00 16.14
C SER B 481 25.81 -12.18 15.21
N PRO B 482 24.75 -12.12 14.36
CA PRO B 482 24.38 -13.27 13.51
C PRO B 482 25.43 -13.52 12.42
N LEU B 483 26.20 -12.49 12.03
CA LEU B 483 27.22 -12.69 10.96
C LEU B 483 28.63 -12.60 11.54
N ASP B 484 29.57 -13.37 10.97
CA ASP B 484 30.98 -13.17 11.27
C ASP B 484 31.49 -11.96 10.46
N PRO B 485 32.79 -11.61 10.67
CA PRO B 485 33.34 -10.50 9.94
C PRO B 485 33.44 -10.72 8.42
N GLU B 486 33.24 -11.93 7.93
CA GLU B 486 33.20 -12.19 6.47
C GLU B 486 31.77 -12.20 5.89
N LEU B 487 30.84 -11.68 6.68
CA LEU B 487 29.42 -11.53 6.35
C LEU B 487 28.69 -12.88 6.22
N ARG B 488 29.29 -13.96 6.69
CA ARG B 488 28.69 -15.29 6.56
C ARG B 488 27.73 -15.49 7.73
N VAL B 489 26.53 -15.99 7.44
CA VAL B 489 25.54 -16.25 8.50
C VAL B 489 26.07 -17.43 9.36
N LYS B 490 26.22 -17.24 10.66
CA LYS B 490 26.78 -18.29 11.54
C LYS B 490 25.77 -19.44 11.74
N GLY B 491 26.32 -20.67 11.78
CA GLY B 491 25.47 -21.85 12.07
C GLY B 491 25.07 -22.60 10.77
N VAL B 492 25.27 -22.01 9.58
CA VAL B 492 24.93 -22.67 8.31
C VAL B 492 26.12 -22.38 7.42
N THR B 493 26.24 -22.94 6.19
CA THR B 493 27.34 -22.47 5.32
C THR B 493 26.74 -22.07 3.98
N GLY B 494 27.50 -21.42 3.11
CA GLY B 494 27.02 -21.10 1.77
C GLY B 494 26.08 -19.88 1.74
N LEU B 495 25.96 -19.13 2.84
CA LEU B 495 24.98 -18.04 2.91
C LEU B 495 25.63 -16.76 3.52
N ARG B 496 25.52 -15.62 2.81
CA ARG B 496 26.02 -14.38 3.37
C ARG B 496 24.94 -13.34 3.36
N VAL B 497 25.10 -12.25 4.11
CA VAL B 497 24.13 -11.16 3.99
C VAL B 497 24.95 -9.90 3.64
N ALA B 498 24.47 -9.07 2.72
CA ALA B 498 25.15 -7.85 2.39
C ALA B 498 24.11 -6.77 2.08
N ASP B 499 23.86 -5.89 3.06
CA ASP B 499 22.88 -4.78 2.93
C ASP B 499 22.99 -3.99 4.25
N ALA B 500 22.12 -2.99 4.46
CA ALA B 500 22.21 -2.18 5.67
C ALA B 500 22.00 -2.99 6.97
N SER B 501 21.47 -4.21 6.94
CA SER B 501 21.29 -4.95 8.20
CA SER B 501 21.28 -4.91 8.20
C SER B 501 22.62 -5.26 8.90
N VAL B 502 23.73 -5.24 8.16
CA VAL B 502 24.98 -5.77 8.75
C VAL B 502 25.69 -4.76 9.67
N MET B 503 25.30 -3.50 9.66
CA MET B 503 26.10 -2.49 10.42
C MET B 503 26.02 -2.72 11.91
N PRO B 504 27.19 -2.72 12.59
CA PRO B 504 27.17 -2.91 14.04
C PRO B 504 26.79 -1.62 14.75
N GLU B 505 26.99 -0.47 14.09
CA GLU B 505 26.62 0.82 14.67
C GLU B 505 26.23 1.63 13.46
N HIS B 506 25.23 2.50 13.61
CA HIS B 506 24.90 3.36 12.49
C HIS B 506 26.04 4.28 12.11
N VAL B 507 26.05 4.75 10.88
CA VAL B 507 27.02 5.78 10.49
C VAL B 507 26.40 7.14 10.76
N THR B 508 27.28 8.13 10.83
CA THR B 508 26.88 9.51 11.10
C THR B 508 25.98 10.16 10.03
N VAL B 509 26.12 9.74 8.76
CA VAL B 509 25.61 10.47 7.62
C VAL B 509 24.58 9.54 6.92
N ASN B 510 24.03 10.08 5.81
CA ASN B 510 23.06 9.32 5.00
C ASN B 510 23.78 8.06 4.50
N PRO B 511 23.20 6.85 4.70
CA PRO B 511 24.05 5.64 4.59
C PRO B 511 24.13 4.99 3.17
N ASN B 512 23.44 5.52 2.15
CA ASN B 512 23.29 4.79 0.84
C ASN B 512 24.65 4.44 0.24
N ILE B 513 25.58 5.39 0.20
CA ILE B 513 26.84 5.06 -0.48
C ILE B 513 27.61 4.03 0.35
N THR B 514 27.59 4.17 1.65
CA THR B 514 28.16 3.11 2.52
C THR B 514 27.55 1.70 2.24
N VAL B 515 26.25 1.61 2.00
CA VAL B 515 25.63 0.30 1.74
C VAL B 515 26.08 -0.26 0.40
N MET B 516 26.25 0.62 -0.60
CA MET B 516 26.85 0.15 -1.85
C MET B 516 28.28 -0.32 -1.60
N MET B 517 29.01 0.41 -0.76
CA MET B 517 30.38 -0.07 -0.43
C MET B 517 30.37 -1.45 0.27
N ILE B 518 29.40 -1.71 1.17
CA ILE B 518 29.23 -3.03 1.76
C ILE B 518 29.02 -4.08 0.65
N GLY B 519 28.20 -3.77 -0.38
CA GLY B 519 27.99 -4.70 -1.52
C GLY B 519 29.34 -4.98 -2.21
N GLU B 520 30.11 -3.91 -2.48
CA GLU B 520 31.44 -4.05 -3.13
C GLU B 520 32.34 -4.96 -2.28
N ARG B 521 32.35 -4.76 -0.94
CA ARG B 521 33.29 -5.51 -0.10
C ARG B 521 32.83 -6.99 -0.08
N CYS B 522 31.52 -7.22 0.00
CA CYS B 522 31.02 -8.63 0.02
C CYS B 522 31.47 -9.34 -1.26
N ALA B 523 31.36 -8.67 -2.41
CA ALA B 523 31.83 -9.31 -3.67
C ALA B 523 33.32 -9.63 -3.60
N ASP B 524 34.13 -8.73 -3.04
CA ASP B 524 35.57 -9.04 -2.85
C ASP B 524 35.82 -10.21 -1.87
N LEU B 525 35.11 -10.27 -0.75
CA LEU B 525 35.20 -11.38 0.21
C LEU B 525 34.89 -12.72 -0.49
N ILE B 526 33.84 -12.73 -1.29
CA ILE B 526 33.48 -13.99 -2.01
C ILE B 526 34.55 -14.39 -3.05
N ARG B 527 34.96 -13.43 -3.89
CA ARG B 527 36.08 -13.70 -4.79
C ARG B 527 37.41 -14.19 -4.16
N SER B 528 37.89 -13.54 -3.09
CA SER B 528 38.93 -14.17 -2.25
C SER B 528 38.73 -15.60 -1.74
N ALA B 529 37.62 -15.89 -1.06
CA ALA B 529 37.22 -17.24 -0.66
C ALA B 529 37.27 -18.24 -1.85
N ARG B 530 36.76 -17.87 -3.03
CA ARG B 530 36.75 -18.77 -4.18
C ARG B 530 38.18 -18.97 -4.73
N ALA B 531 39.06 -17.95 -4.66
CA ALA B 531 40.46 -18.08 -5.11
C ALA B 531 41.28 -19.17 -4.42
PA FAD C . -16.19 2.40 -5.87
O1A FAD C . -16.34 1.57 -7.10
O2A FAD C . -15.15 1.92 -4.87
O5B FAD C . -15.93 3.87 -6.40
C5B FAD C . -15.36 4.89 -5.56
C4B FAD C . -14.33 5.63 -6.43
O4B FAD C . -13.96 6.84 -5.70
C3B FAD C . -13.06 4.79 -6.69
O3B FAD C . -12.69 4.91 -8.04
C2B FAD C . -12.03 5.55 -5.85
O2B FAD C . -10.64 5.53 -6.32
C1B FAD C . -12.55 6.98 -5.85
N9A FAD C . -12.12 7.76 -4.67
C8A FAD C . -12.14 7.38 -3.33
N7A FAD C . -11.70 8.38 -2.51
C5A FAD C . -11.49 9.43 -3.37
C6A FAD C . -11.12 10.84 -3.19
N6A FAD C . -10.77 11.27 -1.94
N1A FAD C . -11.07 11.59 -4.30
C2A FAD C . -11.35 11.19 -5.56
N3A FAD C . -11.65 9.92 -5.82
C4A FAD C . -11.77 9.05 -4.77
N1 FAD C . -19.61 -6.82 -6.60
C2 FAD C . -20.26 -7.65 -7.43
O2 FAD C . -21.49 -7.43 -7.69
N3 FAD C . -19.65 -8.69 -8.07
C4 FAD C . -18.37 -9.06 -7.85
O4 FAD C . -17.75 -10.00 -8.44
C4X FAD C . -17.64 -8.30 -6.87
N5 FAD C . -16.37 -8.67 -6.46
C5X FAD C . -15.54 -7.77 -5.88
C6 FAD C . -14.17 -8.04 -5.72
C7 FAD C . -13.41 -7.09 -5.05
C7M FAD C . -11.95 -7.35 -4.82
C8 FAD C . -14.00 -5.78 -4.66
C8M FAD C . -13.01 -4.76 -4.12
C9 FAD C . -15.35 -5.51 -4.83
C9A FAD C . -16.17 -6.51 -5.37
N10 FAD C . -17.55 -6.28 -5.50
C10 FAD C . -18.32 -7.09 -6.35
C1' FAD C . -18.17 -5.07 -4.97
C2' FAD C . -18.60 -4.05 -5.96
O2' FAD C . -17.49 -3.95 -6.84
C3' FAD C . -18.58 -2.80 -5.05
O3' FAD C . -19.60 -2.94 -4.02
C4' FAD C . -18.94 -1.59 -5.94
O4' FAD C . -18.00 -1.49 -7.04
C5' FAD C . -18.87 -0.26 -5.13
O5' FAD C . -19.17 0.80 -6.06
P FAD C . -19.14 2.36 -5.51
O1P FAD C . -19.48 3.22 -6.67
O2P FAD C . -19.87 2.38 -4.17
O3P FAD C . -17.58 2.55 -5.08
N BET D . -15.48 -13.27 -4.70
CA BET D . -16.94 -13.04 -4.79
C BET D . -17.07 -11.56 -5.15
O BET D . -18.14 -10.90 -5.21
OXT BET D . -15.96 -11.06 -5.36
C1 BET D . -14.96 -12.13 -3.94
C2 BET D . -15.06 -13.24 -6.09
C3 BET D . -14.90 -14.50 -4.10
C ACT E . -1.10 -15.98 14.07
O ACT E . -0.92 -17.18 14.39
OXT ACT E . -0.58 -15.61 13.01
CH3 ACT E . -1.92 -15.03 14.87
C1 GOL F . -29.22 16.58 9.99
O1 GOL F . -29.78 17.85 9.58
C2 GOL F . -30.30 15.57 9.68
O2 GOL F . -31.22 15.59 10.77
C3 GOL F . -29.65 14.20 9.70
O3 GOL F . -29.34 13.98 11.10
C1 GOL G . -4.15 4.50 14.80
O1 GOL G . -4.74 5.69 15.31
C2 GOL G . -2.94 4.94 14.03
O2 GOL G . -2.04 5.19 15.10
C3 GOL G . -2.49 3.77 13.18
O3 GOL G . -1.98 4.35 11.97
PA FAD H . 17.29 -1.84 -0.27
O1A FAD H . 17.95 -0.83 -1.22
O2A FAD H . 15.94 -1.55 0.39
O5B FAD H . 17.22 -3.19 -1.13
C5B FAD H . 16.45 -4.34 -0.68
C4B FAD H . 15.83 -4.90 -1.98
O4B FAD H . 15.25 -6.20 -1.68
C3B FAD H . 14.64 -4.05 -2.51
O3B FAD H . 14.73 -3.80 -3.92
C2B FAD H . 13.41 -4.87 -2.23
O2B FAD H . 12.34 -4.68 -3.17
C1B FAD H . 13.97 -6.32 -2.33
N9A FAD H . 13.25 -7.29 -1.46
C8A FAD H . 12.78 -7.08 -0.18
N7A FAD H . 12.15 -8.23 0.20
C5A FAD H . 12.27 -9.14 -0.80
C6A FAD H . 11.87 -10.54 -1.10
N6A FAD H . 11.22 -11.24 -0.15
N1A FAD H . 12.20 -11.11 -2.26
C2A FAD H . 12.83 -10.44 -3.23
N3A FAD H . 13.26 -9.16 -3.08
C4A FAD H . 12.96 -8.50 -1.93
N1 FAD H . 20.28 7.24 1.98
C2 FAD H . 21.17 8.17 1.55
O2 FAD H . 22.38 7.94 1.76
N3 FAD H . 20.77 9.35 1.04
C4 FAD H . 19.49 9.71 0.90
O4 FAD H . 19.04 10.71 0.32
C4X FAD H . 18.43 8.82 1.36
N5 FAD H . 17.10 9.15 1.31
C5X FAD H . 16.18 8.13 1.38
C6 FAD H . 14.80 8.36 1.23
C7 FAD H . 13.91 7.31 1.38
C7M FAD H . 12.43 7.54 1.12
C8 FAD H . 14.40 5.96 1.65
C8M FAD H . 13.35 4.86 1.58
C9 FAD H . 15.74 5.71 1.94
C9A FAD H . 16.66 6.78 1.82
N10 FAD H . 18.00 6.57 2.17
C10 FAD H . 18.97 7.53 1.85
C1' FAD H . 18.46 5.24 2.65
C2' FAD H . 19.26 4.35 1.75
O2' FAD H . 18.57 4.49 0.51
C3' FAD H . 18.96 2.96 2.30
O3' FAD H . 19.65 2.90 3.57
C4' FAD H . 19.70 1.94 1.42
O4' FAD H . 19.18 2.10 0.05
C5' FAD H . 19.47 0.51 1.98
O5' FAD H . 19.97 -0.36 0.96
P FAD H . 19.84 -1.97 1.10
O1P FAD H . 20.69 -2.60 0.04
O2P FAD H . 20.05 -2.29 2.54
O3P FAD H . 18.26 -2.26 0.93
N BET I . 15.27 13.57 3.35
CA BET I . 16.59 13.08 3.80
C BET I . 16.97 11.69 3.32
O BET I . 18.11 11.16 3.48
OXT BET I . 16.08 11.01 2.75
C1 BET I . 14.17 12.57 3.39
C2 BET I . 15.58 13.91 1.96
C3 BET I . 14.73 14.71 4.11
C ACT J . -4.47 12.98 16.27
O ACT J . -5.02 14.01 16.69
OXT ACT J . -4.37 12.98 15.04
CH3 ACT J . -3.99 11.84 17.12
C1 GOL K . 24.62 -19.45 16.31
O1 GOL K . 25.48 -20.47 15.79
C2 GOL K . 25.60 -18.32 16.47
O2 GOL K . 25.96 -18.38 17.84
C3 GOL K . 24.84 -17.01 16.32
O3 GOL K . 24.27 -16.93 17.61
C1 GOL L . -1.07 -7.74 14.11
O1 GOL L . -0.82 -9.04 14.66
C2 GOL L . -2.09 -7.86 13.00
O2 GOL L . -3.40 -8.15 13.50
C3 GOL L . -2.11 -6.56 12.20
O3 GOL L . -2.09 -6.90 10.80
#